data_8DR2
#
_entry.id   8DR2
#
_cell.length_a   72.673
_cell.length_b   120.583
_cell.length_c   80.423
_cell.angle_alpha   90.000
_cell.angle_beta   116.620
_cell.angle_gamma   90.000
#
_symmetry.space_group_name_H-M   'P 1 21 1'
#
loop_
_entity.id
_entity.type
_entity.pdbx_description
1 polymer 'Carbonic anhydrase'
2 non-polymer 2-cyclohexyl-N-(5-sulfamoyl-1,3,4-thiadiazol-2-yl)acetamide
3 non-polymer 'ZINC ION'
4 non-polymer 'SULFATE ION'
5 water water
#
_entity_poly.entity_id   1
_entity_poly.type   'polypeptide(L)'
_entity_poly.pdbx_seq_one_letter_code
;HHHHHHDSGLVPRGSHMHGNHTHWGYTGHDSPESWGNLSEEFRLCSTGKNQSPVNITETVSGKLPAIKVNYKPSMVDVEN
NGHTIQVNYPEGGNTLTVNGRTYTLKQFHFHVPSENQIKGRTFPMEAHFVHLDENKQPLVLAVLYEAGKTNGRLSSIWNV
MPMTAGKVKLNQPFDASTLLPKRLKYYRFAGSLTTPPCTEGVSWLVLKTYDHIDQAQAEKFTRAVGSENNRPVQPLNARV
VIE
;
_entity_poly.pdbx_strand_id   A,C,E,G
#
loop_
_chem_comp.id
_chem_comp.type
_chem_comp.name
_chem_comp.formula
SO4 non-polymer 'SULFATE ION' 'O4 S -2'
TE3 non-polymer 2-cyclohexyl-N-(5-sulfamoyl-1,3,4-thiadiazol-2-yl)acetamide 'C10 H16 N4 O3 S2'
ZN non-polymer 'ZINC ION' 'Zn 2'
#
# COMPACT_ATOMS: atom_id res chain seq x y z
N THR A 22 33.32 38.92 68.48
CA THR A 22 32.42 38.41 69.56
C THR A 22 31.95 36.99 69.23
N HIS A 23 31.81 36.15 70.27
CA HIS A 23 31.38 34.76 70.13
C HIS A 23 29.98 34.75 69.54
N TRP A 24 29.72 33.77 68.66
CA TRP A 24 28.36 33.45 68.25
C TRP A 24 28.25 31.96 67.94
N GLY A 25 27.00 31.44 67.88
CA GLY A 25 26.81 30.00 67.75
C GLY A 25 25.35 29.62 67.57
N TYR A 26 25.04 28.35 67.87
CA TYR A 26 23.76 27.75 67.52
C TYR A 26 23.01 27.22 68.75
N THR A 27 23.56 27.45 69.95
CA THR A 27 22.96 27.06 71.23
C THR A 27 23.28 28.15 72.26
N GLY A 28 22.41 28.22 73.28
CA GLY A 28 22.57 29.19 74.35
C GLY A 28 22.20 30.60 73.91
N HIS A 29 22.83 31.59 74.59
CA HIS A 29 22.57 32.99 74.43
C HIS A 29 23.13 33.49 73.10
N ASP A 30 24.18 32.85 72.58
CA ASP A 30 24.79 33.24 71.32
C ASP A 30 24.02 32.76 70.08
N SER A 31 22.82 32.18 70.24
CA SER A 31 22.20 31.45 69.14
C SER A 31 21.56 32.44 68.16
N PRO A 32 21.11 32.00 66.96
CA PRO A 32 20.73 32.93 65.89
C PRO A 32 19.63 33.91 66.27
N GLU A 33 18.68 33.46 67.14
CA GLU A 33 17.64 34.35 67.63
C GLU A 33 18.28 35.60 68.25
N SER A 34 19.57 35.54 68.59
CA SER A 34 20.18 36.60 69.37
C SER A 34 21.29 37.33 68.62
N TRP A 35 21.67 36.85 67.42
CA TRP A 35 22.81 37.40 66.72
C TRP A 35 22.74 38.92 66.61
N GLY A 36 21.55 39.45 66.31
CA GLY A 36 21.35 40.89 66.18
C GLY A 36 21.88 41.67 67.39
N ASN A 37 21.60 41.15 68.60
CA ASN A 37 21.85 41.86 69.85
C ASN A 37 23.26 41.62 70.38
N LEU A 38 24.05 40.76 69.73
CA LEU A 38 25.37 40.46 70.22
C LEU A 38 26.30 41.66 69.96
N SER A 39 26.13 42.32 68.82
CA SER A 39 26.88 43.54 68.56
C SER A 39 26.14 44.40 67.53
N GLU A 40 26.67 45.60 67.34
CA GLU A 40 26.15 46.60 66.41
C GLU A 40 26.21 46.04 64.99
N GLU A 41 27.30 45.30 64.69
CA GLU A 41 27.63 44.86 63.34
C GLU A 41 26.72 43.73 62.87
N PHE A 42 26.08 43.03 63.82
CA PHE A 42 25.32 41.83 63.54
C PHE A 42 23.83 42.15 63.49
N ARG A 43 23.51 43.44 63.49
CA ARG A 43 22.15 43.92 63.67
C ARG A 43 21.27 43.44 62.51
N LEU A 44 21.87 43.29 61.32
CA LEU A 44 21.13 42.93 60.13
C LEU A 44 20.57 41.51 60.28
N CYS A 45 21.24 40.68 61.08
CA CYS A 45 20.80 39.33 61.39
C CYS A 45 19.33 39.34 61.81
N SER A 46 18.88 40.40 62.48
CA SER A 46 17.53 40.41 63.03
C SER A 46 16.59 41.32 62.24
N THR A 47 17.14 42.40 61.64
CA THR A 47 16.36 43.41 60.94
C THR A 47 16.43 43.28 59.42
N GLY A 48 17.08 42.21 58.91
CA GLY A 48 17.10 41.96 57.49
C GLY A 48 15.72 41.50 56.99
N LYS A 49 15.46 41.71 55.70
CA LYS A 49 14.21 41.27 55.08
C LYS A 49 14.48 40.32 53.91
N ASN A 50 15.77 40.06 53.65
CA ASN A 50 16.23 39.11 52.66
C ASN A 50 17.32 38.25 53.31
N GLN A 51 16.96 37.54 54.38
CA GLN A 51 17.95 36.76 55.11
C GLN A 51 17.88 35.32 54.60
N SER A 52 19.06 34.67 54.58
CA SER A 52 19.18 33.25 54.29
C SER A 52 19.48 32.49 55.60
N PRO A 53 19.14 31.18 55.73
CA PRO A 53 18.51 30.40 54.65
C PRO A 53 17.01 30.66 54.53
N VAL A 54 16.35 29.90 53.64
CA VAL A 54 14.89 29.90 53.48
C VAL A 54 14.38 28.48 53.23
N ASN A 55 13.05 28.32 53.45
CA ASN A 55 12.33 27.12 53.06
C ASN A 55 11.65 27.42 51.73
N ILE A 56 11.96 26.60 50.71
CA ILE A 56 11.52 26.87 49.34
C ILE A 56 10.23 26.08 49.05
N THR A 57 9.12 26.81 49.10
CA THR A 57 7.79 26.24 48.93
C THR A 57 7.34 26.56 47.50
N GLU A 58 6.73 27.73 47.33
CA GLU A 58 6.24 28.12 46.02
C GLU A 58 7.33 28.90 45.26
N THR A 59 7.23 28.85 43.93
CA THR A 59 8.27 29.31 43.04
C THR A 59 7.63 29.84 41.76
N VAL A 60 8.42 30.56 40.98
CA VAL A 60 7.98 31.00 39.68
C VAL A 60 8.83 30.24 38.67
N SER A 61 8.17 29.55 37.75
CA SER A 61 8.85 28.87 36.66
C SER A 61 9.38 29.95 35.75
N GLY A 62 10.70 30.09 35.65
CA GLY A 62 11.28 31.01 34.70
C GLY A 62 12.46 30.37 33.95
N LYS A 63 12.77 30.97 32.79
CA LYS A 63 13.85 30.52 31.91
C LYS A 63 15.19 31.06 32.41
N LEU A 64 15.83 30.31 33.33
CA LEU A 64 17.00 30.80 34.03
C LEU A 64 18.21 30.67 33.11
N PRO A 65 19.28 31.47 33.32
CA PRO A 65 20.51 31.32 32.55
C PRO A 65 21.34 30.14 33.07
N ALA A 66 21.91 29.38 32.11
CA ALA A 66 22.63 28.16 32.40
C ALA A 66 23.92 28.48 33.15
N ILE A 67 24.30 27.60 34.12
CA ILE A 67 25.56 27.68 34.84
C ILE A 67 26.67 27.04 34.01
N LYS A 68 27.80 27.76 33.90
CA LYS A 68 29.02 27.18 33.36
C LYS A 68 30.00 26.99 34.50
N VAL A 69 30.54 25.74 34.61
CA VAL A 69 31.42 25.33 35.70
C VAL A 69 32.85 25.22 35.18
N ASN A 70 33.79 25.87 35.88
CA ASN A 70 35.21 25.87 35.54
C ASN A 70 36.02 25.60 36.80
N TYR A 71 35.82 24.40 37.34
CA TYR A 71 36.54 23.96 38.52
C TYR A 71 37.63 22.99 38.07
N LYS A 72 38.81 23.08 38.71
CA LYS A 72 39.90 22.18 38.40
C LYS A 72 40.67 21.91 39.70
N PRO A 73 41.47 20.83 39.73
CA PRO A 73 42.44 20.60 40.80
C PRO A 73 43.15 21.90 41.21
N SER A 74 43.17 22.13 42.52
CA SER A 74 43.89 23.26 43.08
C SER A 74 44.47 22.85 44.43
N MET A 75 45.49 23.62 44.86
CA MET A 75 46.13 23.43 46.15
C MET A 75 45.31 24.17 47.20
N VAL A 76 44.67 23.37 48.06
CA VAL A 76 43.67 23.88 48.99
C VAL A 76 44.16 23.61 50.41
N ASP A 77 43.40 24.12 51.37
CA ASP A 77 43.70 23.91 52.77
C ASP A 77 42.37 23.93 53.51
N VAL A 78 42.31 23.13 54.57
CA VAL A 78 41.08 22.84 55.29
C VAL A 78 41.19 23.42 56.70
N GLU A 79 40.09 24.02 57.18
CA GLU A 79 40.07 24.83 58.39
C GLU A 79 38.84 24.45 59.22
N ASN A 80 39.03 24.29 60.52
CA ASN A 80 37.93 24.25 61.47
C ASN A 80 38.03 25.51 62.32
N ASN A 81 36.95 26.29 62.38
CA ASN A 81 36.95 27.57 63.08
C ASN A 81 35.91 27.58 64.20
N GLY A 82 35.39 26.40 64.57
CA GLY A 82 34.36 26.26 65.60
C GLY A 82 32.94 26.18 65.03
N HIS A 83 32.77 26.74 63.81
CA HIS A 83 31.47 26.98 63.20
C HIS A 83 31.24 26.03 62.02
N THR A 84 32.27 25.80 61.20
CA THR A 84 32.14 24.98 60.00
C THR A 84 33.49 24.46 59.55
N ILE A 85 33.44 23.46 58.64
CA ILE A 85 34.62 22.89 58.01
C ILE A 85 34.74 23.48 56.60
N GLN A 86 35.80 24.26 56.39
CA GLN A 86 35.94 25.10 55.22
C GLN A 86 37.17 24.65 54.42
N VAL A 87 37.03 24.63 53.09
CA VAL A 87 38.13 24.38 52.19
C VAL A 87 38.41 25.69 51.45
N ASN A 88 39.58 26.30 51.71
CA ASN A 88 39.89 27.61 51.14
C ASN A 88 40.84 27.49 49.95
N TYR A 89 40.62 28.37 48.97
CA TYR A 89 41.34 28.47 47.70
C TYR A 89 42.19 29.74 47.70
N PRO A 90 43.48 29.65 48.10
CA PRO A 90 44.39 30.79 47.99
C PRO A 90 44.53 31.34 46.57
N GLU A 91 44.56 30.44 45.58
CA GLU A 91 44.78 30.82 44.20
C GLU A 91 43.43 30.76 43.51
N GLY A 92 43.15 31.76 42.66
CA GLY A 92 41.90 31.85 41.89
C GLY A 92 41.82 30.72 40.87
N GLY A 93 41.06 30.92 39.80
CA GLY A 93 41.09 29.96 38.72
C GLY A 93 40.18 28.76 38.93
N ASN A 94 39.40 28.72 40.03
CA ASN A 94 38.19 27.93 40.06
C ASN A 94 37.01 28.90 39.96
N THR A 95 36.35 28.91 38.79
CA THR A 95 35.35 29.92 38.47
C THR A 95 34.07 29.23 38.05
N LEU A 96 33.10 30.10 37.82
CA LEU A 96 31.72 29.73 37.58
C LEU A 96 31.10 30.89 36.78
N THR A 97 30.52 30.61 35.60
CA THR A 97 30.00 31.67 34.75
C THR A 97 28.47 31.54 34.62
N VAL A 98 27.76 32.63 34.95
CA VAL A 98 26.33 32.65 34.71
C VAL A 98 25.91 34.04 34.21
N ASN A 99 25.26 34.04 33.04
CA ASN A 99 24.73 35.22 32.36
C ASN A 99 25.84 36.22 32.06
N GLY A 100 27.00 35.72 31.59
CA GLY A 100 28.11 36.57 31.17
C GLY A 100 29.14 36.86 32.26
N ARG A 101 28.82 36.74 33.55
CA ARG A 101 29.74 37.14 34.61
C ARG A 101 30.41 35.92 35.22
N THR A 102 31.74 36.00 35.38
CA THR A 102 32.60 35.00 35.97
C THR A 102 32.73 35.28 37.48
N TYR A 103 32.38 34.27 38.31
CA TYR A 103 32.44 34.33 39.75
C TYR A 103 33.55 33.40 40.24
N THR A 104 34.52 33.95 41.03
CA THR A 104 35.66 33.18 41.51
C THR A 104 35.32 32.54 42.87
N LEU A 105 35.61 31.23 42.99
CA LEU A 105 35.47 30.49 44.22
C LEU A 105 36.55 30.89 45.22
N LYS A 106 36.12 31.42 46.38
CA LYS A 106 37.03 31.70 47.49
C LYS A 106 37.13 30.45 48.35
N GLN A 107 36.01 29.74 48.50
CA GLN A 107 35.95 28.62 49.43
C GLN A 107 34.62 27.88 49.33
N PHE A 108 34.64 26.64 49.86
CA PHE A 108 33.40 25.93 50.12
C PHE A 108 33.44 25.33 51.52
N HIS A 109 32.24 24.98 52.02
CA HIS A 109 32.07 24.57 53.40
C HIS A 109 30.71 23.92 53.59
N PHE A 110 30.45 23.44 54.82
CA PHE A 110 29.32 22.55 55.03
C PHE A 110 28.52 22.98 56.25
N HIS A 111 27.22 22.65 56.19
CA HIS A 111 26.33 22.73 57.32
C HIS A 111 25.61 21.40 57.47
N VAL A 112 25.56 20.94 58.73
CA VAL A 112 24.79 19.77 59.14
C VAL A 112 23.85 20.17 60.28
N PRO A 113 22.51 19.99 60.12
CA PRO A 113 21.89 19.57 58.86
C PRO A 113 21.88 20.74 57.88
N SER A 114 21.10 20.62 56.79
CA SER A 114 21.02 21.66 55.78
C SER A 114 20.40 22.90 56.38
N GLU A 115 20.73 24.06 55.77
CA GLU A 115 20.23 25.36 56.17
C GLU A 115 18.94 25.67 55.41
N ASN A 116 19.00 25.54 54.08
CA ASN A 116 17.83 25.76 53.23
C ASN A 116 16.98 24.49 53.20
N GLN A 117 15.70 24.67 52.82
CA GLN A 117 14.74 23.59 52.79
C GLN A 117 13.95 23.58 51.47
N ILE A 118 13.53 22.38 51.02
CA ILE A 118 12.61 22.25 49.90
C ILE A 118 11.32 21.64 50.43
N LYS A 119 10.22 22.41 50.41
CA LYS A 119 8.91 21.90 50.78
C LYS A 119 8.95 21.32 52.21
N GLY A 120 9.44 22.11 53.17
CA GLY A 120 9.45 21.72 54.57
C GLY A 120 10.63 20.83 54.96
N ARG A 121 11.37 20.34 53.96
CA ARG A 121 12.28 19.21 54.10
C ARG A 121 13.71 19.68 54.33
N THR A 122 14.40 18.97 55.24
CA THR A 122 15.71 19.34 55.77
C THR A 122 16.66 18.17 55.46
N PHE A 123 17.81 18.50 54.85
CA PHE A 123 18.69 17.50 54.27
C PHE A 123 19.83 17.20 55.24
N PRO A 124 20.33 15.94 55.26
CA PRO A 124 21.39 15.54 56.20
C PRO A 124 22.55 16.52 56.32
N MET A 125 22.93 17.13 55.17
CA MET A 125 24.01 18.12 55.06
C MET A 125 23.78 19.03 53.85
N GLU A 126 24.36 20.23 53.94
CA GLU A 126 24.38 21.17 52.83
C GLU A 126 25.78 21.72 52.64
N ALA A 127 26.21 21.93 51.38
CA ALA A 127 27.47 22.59 51.09
C ALA A 127 27.24 23.93 50.38
N HIS A 128 28.08 24.93 50.70
CA HIS A 128 27.99 26.26 50.12
C HIS A 128 29.30 26.62 49.45
N PHE A 129 29.26 26.82 48.13
CA PHE A 129 30.39 27.25 47.31
C PHE A 129 30.31 28.75 47.15
N VAL A 130 31.30 29.46 47.70
CA VAL A 130 31.19 30.90 47.86
C VAL A 130 32.10 31.62 46.87
N HIS A 131 31.48 32.44 46.01
CA HIS A 131 32.20 33.14 44.96
C HIS A 131 32.09 34.66 45.11
N LEU A 132 33.05 35.35 44.49
CA LEU A 132 33.00 36.78 44.22
C LEU A 132 33.43 37.03 42.78
N ASP A 133 32.69 37.89 42.06
CA ASP A 133 33.09 38.37 40.75
C ASP A 133 34.07 39.53 40.90
N GLU A 134 34.56 40.04 39.75
CA GLU A 134 35.42 41.22 39.67
C GLU A 134 34.92 42.34 40.60
N ASN A 135 33.61 42.45 40.84
CA ASN A 135 33.03 43.58 41.56
C ASN A 135 32.75 43.25 43.03
N LYS A 136 33.29 42.15 43.55
CA LYS A 136 33.08 41.85 44.97
C LYS A 136 31.59 41.55 45.24
N GLN A 137 30.82 41.23 44.19
CA GLN A 137 29.45 40.78 44.33
C GLN A 137 29.41 39.30 44.73
N PRO A 138 28.97 38.96 45.95
CA PRO A 138 28.94 37.56 46.39
C PRO A 138 27.90 36.71 45.65
N LEU A 139 28.29 35.44 45.42
CA LEU A 139 27.36 34.43 44.93
C LEU A 139 27.68 33.12 45.65
N VAL A 140 26.65 32.55 46.32
CA VAL A 140 26.77 31.21 46.89
C VAL A 140 26.08 30.21 45.97
N LEU A 141 26.79 29.10 45.70
CA LEU A 141 26.17 27.92 45.11
C LEU A 141 26.09 26.84 46.15
N ALA A 142 24.87 26.32 46.33
CA ALA A 142 24.61 25.35 47.38
C ALA A 142 24.30 24.00 46.75
N VAL A 143 24.76 22.96 47.43
CA VAL A 143 24.44 21.58 47.10
C VAL A 143 23.87 20.93 48.34
N LEU A 144 22.69 20.31 48.17
CA LEU A 144 22.05 19.51 49.20
C LEU A 144 22.45 18.05 49.03
N TYR A 145 22.65 17.38 50.18
CA TYR A 145 22.98 15.97 50.21
C TYR A 145 21.84 15.18 50.86
N GLU A 146 21.35 14.16 50.12
CA GLU A 146 20.53 13.08 50.64
C GLU A 146 21.36 12.16 51.52
N ALA A 147 20.67 11.32 52.31
CA ALA A 147 21.31 10.21 53.00
C ALA A 147 21.45 9.06 52.00
N GLY A 148 22.61 8.41 51.98
CA GLY A 148 22.84 7.30 51.07
C GLY A 148 24.20 6.65 51.31
N LYS A 149 24.89 6.35 50.21
CA LYS A 149 26.22 5.75 50.21
C LYS A 149 27.23 6.78 50.72
N THR A 150 28.35 6.31 51.29
CA THR A 150 29.46 7.20 51.58
C THR A 150 29.75 8.06 50.36
N ASN A 151 30.16 9.30 50.63
CA ASN A 151 30.58 10.19 49.56
C ASN A 151 32.08 9.98 49.30
N GLY A 152 32.39 9.29 48.21
CA GLY A 152 33.78 8.95 47.89
C GLY A 152 34.63 10.17 47.58
N ARG A 153 33.98 11.23 47.06
CA ARG A 153 34.69 12.40 46.56
C ARG A 153 35.07 13.31 47.74
N LEU A 154 34.34 13.18 48.85
CA LEU A 154 34.54 14.03 50.01
C LEU A 154 35.51 13.43 51.03
N SER A 155 35.95 12.18 50.78
CA SER A 155 36.81 11.46 51.71
C SER A 155 38.17 12.14 51.86
N SER A 156 38.76 12.58 50.75
CA SER A 156 40.00 13.32 50.81
C SER A 156 39.97 14.37 51.93
N ILE A 157 38.82 15.03 52.13
CA ILE A 157 38.69 16.19 53.02
C ILE A 157 38.32 15.74 54.43
N TRP A 158 37.45 14.73 54.50
CA TRP A 158 37.09 14.15 55.78
C TRP A 158 38.31 13.49 56.44
N ASN A 159 39.23 12.93 55.64
CA ASN A 159 40.33 12.14 56.17
C ASN A 159 41.36 12.98 56.92
N VAL A 160 41.31 14.30 56.78
CA VAL A 160 42.25 15.17 57.47
C VAL A 160 41.50 16.37 58.04
N MET A 161 40.19 16.18 58.31
CA MET A 161 39.36 17.19 58.92
C MET A 161 39.89 17.45 60.33
N PRO A 162 40.39 18.67 60.65
CA PRO A 162 40.78 19.00 62.02
C PRO A 162 39.57 18.92 62.96
N MET A 163 39.71 18.04 63.98
CA MET A 163 38.61 17.76 64.88
C MET A 163 38.58 18.75 66.03
N THR A 164 39.56 19.67 66.07
CA THR A 164 39.49 20.89 66.86
C THR A 164 40.04 22.04 66.03
N ALA A 165 39.72 23.28 66.46
CA ALA A 165 40.08 24.48 65.71
C ALA A 165 41.51 24.38 65.17
N GLY A 166 41.67 24.64 63.86
CA GLY A 166 43.00 24.74 63.23
C GLY A 166 42.98 24.45 61.73
N LYS A 167 43.91 25.09 60.98
CA LYS A 167 44.01 25.00 59.54
C LYS A 167 45.17 24.07 59.18
N VAL A 168 44.90 22.89 58.58
CA VAL A 168 45.94 22.11 57.90
C VAL A 168 45.97 22.57 56.45
N LYS A 169 46.98 22.07 55.72
CA LYS A 169 47.22 22.42 54.34
C LYS A 169 47.31 21.15 53.49
N LEU A 170 46.25 20.84 52.75
CA LEU A 170 46.10 19.54 52.11
C LEU A 170 47.02 19.40 50.89
N ASN A 171 47.67 18.23 50.84
CA ASN A 171 48.89 17.98 50.08
C ASN A 171 48.59 17.32 48.73
N GLN A 172 47.35 16.84 48.58
CA GLN A 172 46.82 16.34 47.33
C GLN A 172 45.94 17.44 46.73
N PRO A 173 46.20 17.92 45.49
CA PRO A 173 45.30 18.88 44.86
C PRO A 173 43.88 18.34 44.98
N PHE A 174 42.90 19.25 44.98
CA PHE A 174 41.49 18.89 45.19
C PHE A 174 40.61 19.43 44.05
N ASP A 175 39.69 18.56 43.58
CA ASP A 175 38.86 18.85 42.42
C ASP A 175 37.39 19.02 42.86
N ALA A 176 37.01 20.27 43.15
CA ALA A 176 35.63 20.63 43.47
C ALA A 176 34.69 20.25 42.32
N SER A 177 35.24 20.28 41.11
CA SER A 177 34.64 19.71 39.92
C SER A 177 33.73 18.55 40.28
N THR A 178 34.27 17.62 41.08
CA THR A 178 33.62 16.35 41.36
C THR A 178 32.50 16.44 42.41
N LEU A 179 32.39 17.58 43.14
CA LEU A 179 31.36 17.81 44.14
C LEU A 179 30.11 18.41 43.49
N LEU A 180 30.27 18.93 42.27
CA LEU A 180 29.13 19.46 41.53
C LEU A 180 28.58 18.39 40.60
N PRO A 181 27.26 18.38 40.37
CA PRO A 181 26.65 17.41 39.46
C PRO A 181 26.77 17.86 38.01
N LYS A 182 26.55 16.89 37.12
CA LYS A 182 26.50 17.12 35.69
C LYS A 182 25.20 17.86 35.34
N ARG A 183 24.14 17.67 36.13
CA ARG A 183 22.84 18.31 35.92
C ARG A 183 22.69 19.48 36.91
N LEU A 184 22.53 20.68 36.34
CA LEU A 184 22.80 21.93 37.03
C LEU A 184 21.58 22.85 37.07
N LYS A 185 20.36 22.29 37.13
CA LYS A 185 19.19 23.12 37.36
C LYS A 185 19.23 23.61 38.81
N TYR A 186 18.69 24.83 39.02
CA TYR A 186 18.83 25.57 40.26
C TYR A 186 17.65 26.51 40.55
N TYR A 187 17.36 26.68 41.85
CA TYR A 187 16.51 27.74 42.35
C TYR A 187 17.34 29.02 42.50
N ARG A 188 16.71 30.17 42.25
CA ARG A 188 17.42 31.43 42.18
C ARG A 188 16.66 32.44 43.02
N PHE A 189 17.35 33.02 44.01
CA PHE A 189 16.82 34.10 44.81
C PHE A 189 17.95 34.96 45.40
N ALA A 190 17.57 36.09 45.98
CA ALA A 190 18.54 36.97 46.61
C ALA A 190 18.44 36.82 48.13
N GLY A 191 19.60 36.94 48.79
CA GLY A 191 19.68 36.71 50.22
C GLY A 191 20.91 37.33 50.85
N SER A 192 21.62 36.48 51.61
CA SER A 192 22.51 36.93 52.65
C SER A 192 23.47 35.81 53.05
N LEU A 193 24.58 36.22 53.66
CA LEU A 193 25.33 35.36 54.54
C LEU A 193 24.37 34.73 55.57
N THR A 194 24.49 33.41 55.78
CA THR A 194 23.75 32.69 56.83
C THR A 194 24.51 32.68 58.16
N THR A 195 25.72 33.22 58.20
CA THR A 195 26.44 33.44 59.46
C THR A 195 26.60 34.94 59.66
N PRO A 196 26.75 35.43 60.92
CA PRO A 196 26.96 36.86 61.16
C PRO A 196 28.15 37.37 60.35
N PRO A 197 28.20 38.65 59.90
CA PRO A 197 27.16 39.64 60.16
C PRO A 197 25.90 39.64 59.29
N CYS A 198 25.57 38.49 58.67
CA CYS A 198 24.31 38.31 57.96
C CYS A 198 24.15 39.35 56.84
N THR A 199 25.26 39.75 56.21
CA THR A 199 25.25 40.72 55.13
C THR A 199 24.29 40.25 54.04
N GLU A 200 23.55 41.19 53.42
CA GLU A 200 22.67 40.88 52.30
C GLU A 200 23.35 41.17 50.96
N GLY A 201 22.59 41.02 49.85
CA GLY A 201 23.13 41.26 48.52
C GLY A 201 23.92 40.07 47.99
N VAL A 202 23.59 38.89 48.52
CA VAL A 202 24.21 37.62 48.16
C VAL A 202 23.29 36.88 47.18
N SER A 203 23.79 36.59 45.98
CA SER A 203 23.07 35.72 45.06
C SER A 203 23.07 34.27 45.58
N TRP A 204 21.89 33.66 45.61
CA TRP A 204 21.77 32.26 45.99
C TRP A 204 21.26 31.41 44.84
N LEU A 205 22.00 30.33 44.57
CA LEU A 205 21.70 29.39 43.50
C LEU A 205 21.70 28.00 44.11
N VAL A 206 20.53 27.35 44.19
CA VAL A 206 20.42 26.10 44.93
C VAL A 206 20.02 24.97 43.99
N LEU A 207 20.84 23.90 44.01
CA LEU A 207 20.93 22.91 42.96
C LEU A 207 19.88 21.83 43.21
N LYS A 208 19.09 21.59 42.17
CA LYS A 208 17.97 20.68 42.20
C LYS A 208 18.42 19.22 42.30
N THR A 209 19.60 18.88 41.76
CA THR A 209 20.15 17.52 41.84
C THR A 209 20.89 17.36 43.17
N TYR A 210 20.43 16.38 43.96
CA TYR A 210 21.02 16.13 45.28
C TYR A 210 22.25 15.25 45.11
N ASP A 211 23.28 15.48 45.94
CA ASP A 211 24.36 14.52 46.12
C ASP A 211 23.97 13.63 47.31
N HIS A 212 24.94 12.93 47.91
CA HIS A 212 24.70 12.00 49.00
C HIS A 212 25.92 11.90 49.92
N ILE A 213 25.63 11.69 51.22
CA ILE A 213 26.58 11.31 52.25
C ILE A 213 25.90 10.24 53.09
N ASP A 214 26.70 9.60 53.95
CA ASP A 214 26.21 8.55 54.82
C ASP A 214 26.31 9.04 56.25
N GLN A 215 25.68 8.26 57.14
CA GLN A 215 25.56 8.52 58.56
C GLN A 215 26.92 8.97 59.13
N ALA A 216 27.97 8.14 58.93
CA ALA A 216 29.30 8.35 59.52
C ALA A 216 29.79 9.77 59.30
N GLN A 217 29.52 10.30 58.08
CA GLN A 217 30.10 11.55 57.60
C GLN A 217 29.43 12.74 58.29
N ALA A 218 28.09 12.69 58.39
CA ALA A 218 27.35 13.73 59.10
C ALA A 218 27.89 13.84 60.53
N GLU A 219 27.94 12.70 61.23
CA GLU A 219 28.23 12.71 62.66
C GLU A 219 29.64 13.23 62.87
N LYS A 220 30.55 12.90 61.94
CA LYS A 220 31.97 13.25 62.04
C LYS A 220 32.14 14.77 61.88
N PHE A 221 31.47 15.35 60.89
CA PHE A 221 31.50 16.80 60.72
C PHE A 221 31.06 17.49 62.00
N THR A 222 29.93 17.02 62.58
CA THR A 222 29.32 17.58 63.79
C THR A 222 30.24 17.38 65.00
N ARG A 223 30.71 16.13 65.20
CA ARG A 223 31.76 15.83 66.17
C ARG A 223 32.74 17.00 66.22
N ALA A 224 33.26 17.32 65.02
CA ALA A 224 34.38 18.22 64.81
C ALA A 224 33.97 19.68 65.06
N VAL A 225 32.83 20.09 64.48
CA VAL A 225 32.39 21.49 64.52
C VAL A 225 31.86 21.85 65.91
N GLY A 226 31.19 20.89 66.55
CA GLY A 226 30.79 21.02 67.94
C GLY A 226 29.28 20.87 68.09
N SER A 227 28.54 21.33 67.07
CA SER A 227 27.09 21.23 67.10
C SER A 227 26.54 21.16 65.69
N GLU A 228 25.21 21.11 65.63
CA GLU A 228 24.45 21.44 64.43
C GLU A 228 24.72 22.90 64.09
N ASN A 229 24.93 23.21 62.81
CA ASN A 229 25.38 24.54 62.43
C ASN A 229 24.46 25.08 61.35
N ASN A 230 23.15 25.07 61.60
CA ASN A 230 22.21 25.52 60.58
C ASN A 230 21.32 26.62 61.13
N ARG A 231 21.48 27.82 60.58
CA ARG A 231 20.59 28.91 60.94
C ARG A 231 19.16 28.54 60.54
N PRO A 232 18.14 28.86 61.38
CA PRO A 232 16.74 28.70 60.98
C PRO A 232 16.34 29.49 59.73
N VAL A 233 15.42 28.88 58.95
CA VAL A 233 14.84 29.42 57.73
C VAL A 233 14.23 30.80 58.03
N GLN A 234 14.55 31.74 57.13
CA GLN A 234 14.14 33.11 57.30
C GLN A 234 12.97 33.36 56.36
N PRO A 235 12.02 34.26 56.72
CA PRO A 235 10.87 34.53 55.88
C PRO A 235 11.36 35.11 54.56
N LEU A 236 10.85 34.56 53.45
CA LEU A 236 11.06 35.09 52.11
C LEU A 236 10.73 36.58 52.05
N ASN A 237 9.57 36.97 52.61
CA ASN A 237 9.02 38.30 52.42
C ASN A 237 8.73 38.50 50.92
N ALA A 238 9.22 39.60 50.36
CA ALA A 238 8.87 40.04 49.01
C ALA A 238 9.58 39.23 47.93
N ARG A 239 10.52 38.37 48.34
CA ARG A 239 11.38 37.67 47.40
C ARG A 239 10.61 36.58 46.64
N VAL A 240 10.92 36.43 45.36
CA VAL A 240 10.43 35.32 44.57
C VAL A 240 11.61 34.37 44.33
N VAL A 241 11.39 33.06 44.52
CA VAL A 241 12.33 32.03 44.11
C VAL A 241 11.98 31.62 42.69
N ILE A 242 12.95 31.73 41.76
CA ILE A 242 12.74 31.26 40.39
C ILE A 242 13.22 29.80 40.28
N GLU A 243 12.47 29.02 39.47
CA GLU A 243 12.81 27.63 39.20
C GLU A 243 12.76 27.41 37.68
N THR B 22 10.07 -4.34 36.52
CA THR B 22 11.27 -3.79 35.82
C THR B 22 10.98 -3.48 34.35
N HIS B 23 11.21 -2.20 33.98
CA HIS B 23 11.03 -1.69 32.64
C HIS B 23 11.96 -2.45 31.68
N TRP B 24 11.44 -2.69 30.47
CA TRP B 24 12.24 -3.14 29.35
C TRP B 24 11.62 -2.54 28.09
N GLY B 25 12.26 -2.75 26.94
CA GLY B 25 11.77 -2.20 25.69
C GLY B 25 12.62 -2.60 24.48
N TYR B 26 12.55 -1.79 23.41
CA TYR B 26 13.22 -2.10 22.15
C TYR B 26 14.21 -1.03 21.71
N THR B 27 14.53 -0.05 22.58
CA THR B 27 15.47 1.02 22.25
C THR B 27 16.25 1.46 23.49
N GLY B 28 17.51 1.90 23.27
CA GLY B 28 18.43 2.39 24.29
C GLY B 28 19.05 1.24 25.09
N HIS B 29 19.23 1.45 26.40
CA HIS B 29 19.75 0.47 27.36
C HIS B 29 18.66 -0.55 27.72
N ASP B 30 17.45 -0.36 27.18
CA ASP B 30 16.34 -1.27 27.40
C ASP B 30 16.36 -2.45 26.42
N SER B 31 17.15 -2.34 25.34
CA SER B 31 16.93 -3.14 24.14
C SER B 31 17.29 -4.60 24.39
N PRO B 32 16.92 -5.51 23.45
CA PRO B 32 17.07 -6.96 23.65
C PRO B 32 18.41 -7.51 24.12
N GLU B 33 19.54 -6.90 23.71
CA GLU B 33 20.83 -7.42 24.14
C GLU B 33 20.96 -7.24 25.65
N SER B 34 20.38 -6.16 26.17
CA SER B 34 20.56 -5.79 27.57
C SER B 34 19.63 -6.59 28.47
N TRP B 35 18.59 -7.22 27.88
CA TRP B 35 17.47 -7.76 28.65
C TRP B 35 17.96 -8.62 29.81
N GLY B 36 18.96 -9.47 29.54
CA GLY B 36 19.52 -10.38 30.52
C GLY B 36 19.97 -9.72 31.83
N ASN B 37 20.62 -8.53 31.75
CA ASN B 37 21.16 -7.84 32.91
C ASN B 37 20.18 -6.83 33.49
N LEU B 38 19.04 -6.59 32.85
CA LEU B 38 18.03 -5.69 33.42
C LEU B 38 17.47 -6.20 34.74
N SER B 39 17.61 -7.52 35.00
CA SER B 39 17.03 -8.17 36.17
C SER B 39 17.50 -9.62 36.22
N GLU B 40 17.52 -10.23 37.43
CA GLU B 40 18.02 -11.59 37.61
C GLU B 40 17.11 -12.61 36.93
N GLU B 41 15.82 -12.30 36.78
CA GLU B 41 14.86 -13.25 36.20
C GLU B 41 14.59 -12.97 34.73
N PHE B 42 15.26 -11.96 34.18
CA PHE B 42 15.37 -11.81 32.75
C PHE B 42 16.64 -12.48 32.24
N ARG B 43 17.23 -13.35 33.07
CA ARG B 43 18.57 -13.86 32.78
C ARG B 43 18.50 -14.81 31.58
N LEU B 44 17.38 -15.52 31.39
CA LEU B 44 17.25 -16.56 30.37
C LEU B 44 17.18 -15.95 28.97
N CYS B 45 16.75 -14.68 28.88
CA CYS B 45 16.79 -13.94 27.63
C CYS B 45 18.19 -14.02 27.01
N SER B 46 19.20 -14.29 27.87
CA SER B 46 20.59 -14.22 27.46
C SER B 46 21.30 -15.57 27.56
N THR B 47 20.77 -16.49 28.34
CA THR B 47 21.44 -17.76 28.59
C THR B 47 20.67 -18.90 27.91
N GLY B 48 19.44 -18.62 27.51
CA GLY B 48 18.59 -19.61 26.90
C GLY B 48 19.25 -20.12 25.63
N LYS B 49 19.17 -21.43 25.42
CA LYS B 49 19.70 -22.07 24.24
C LYS B 49 18.57 -22.48 23.29
N ASN B 50 17.33 -22.06 23.62
CA ASN B 50 16.13 -22.46 22.90
C ASN B 50 15.18 -21.27 22.83
N GLN B 51 15.70 -20.15 22.32
CA GLN B 51 15.02 -18.87 22.40
C GLN B 51 14.27 -18.60 21.10
N SER B 52 13.30 -17.69 21.14
CA SER B 52 12.62 -17.26 19.94
C SER B 52 12.74 -15.75 19.81
N PRO B 53 12.71 -15.16 18.58
CA PRO B 53 12.37 -15.87 17.35
C PRO B 53 13.58 -16.52 16.69
N VAL B 54 13.32 -17.33 15.66
CA VAL B 54 14.37 -17.96 14.88
C VAL B 54 14.20 -17.61 13.39
N ASN B 55 15.30 -17.72 12.66
CA ASN B 55 15.23 -17.85 11.22
C ASN B 55 15.01 -19.34 10.90
N ILE B 56 13.81 -19.66 10.41
CA ILE B 56 13.50 -21.00 9.96
C ILE B 56 14.22 -21.25 8.64
N THR B 57 15.43 -21.87 8.67
CA THR B 57 16.14 -22.16 7.43
C THR B 57 15.92 -23.61 7.04
N GLU B 58 16.55 -24.51 7.80
CA GLU B 58 16.58 -25.90 7.39
C GLU B 58 15.71 -26.69 8.33
N THR B 59 15.06 -27.66 7.72
CA THR B 59 13.85 -28.26 8.21
C THR B 59 13.83 -29.74 7.84
N VAL B 60 12.92 -30.42 8.48
CA VAL B 60 12.81 -31.83 8.30
C VAL B 60 11.35 -32.08 7.95
N SER B 61 11.12 -32.61 6.75
CA SER B 61 9.78 -32.97 6.34
C SER B 61 9.22 -34.07 7.27
N GLY B 62 8.25 -33.70 8.10
CA GLY B 62 7.51 -34.65 8.92
C GLY B 62 6.00 -34.55 8.68
N LYS B 63 5.28 -35.66 8.92
CA LYS B 63 3.81 -35.70 8.87
C LYS B 63 3.24 -35.12 10.16
N LEU B 64 2.94 -33.80 10.12
CA LEU B 64 2.61 -33.05 11.33
C LEU B 64 1.11 -33.20 11.57
N PRO B 65 0.64 -33.14 12.82
CA PRO B 65 -0.80 -33.25 13.11
C PRO B 65 -1.60 -32.01 12.69
N ALA B 66 -2.84 -32.21 12.23
CA ALA B 66 -3.65 -31.11 11.71
C ALA B 66 -4.17 -30.22 12.84
N ILE B 67 -4.41 -28.95 12.50
CA ILE B 67 -4.94 -27.95 13.41
C ILE B 67 -6.44 -27.85 13.18
N LYS B 68 -7.22 -28.22 14.19
CA LYS B 68 -8.62 -27.85 14.26
C LYS B 68 -8.74 -26.50 14.98
N VAL B 69 -9.39 -25.53 14.32
CA VAL B 69 -9.61 -24.20 14.87
C VAL B 69 -11.05 -24.10 15.39
N ASN B 70 -11.22 -23.62 16.64
CA ASN B 70 -12.54 -23.46 17.23
C ASN B 70 -12.59 -22.06 17.85
N TYR B 71 -12.41 -21.02 17.02
CA TYR B 71 -12.56 -19.63 17.46
C TYR B 71 -13.95 -19.12 17.09
N LYS B 72 -14.54 -18.32 17.99
CA LYS B 72 -15.89 -17.81 17.80
C LYS B 72 -15.90 -16.29 18.06
N PRO B 73 -17.05 -15.61 17.80
CA PRO B 73 -17.21 -14.22 18.23
C PRO B 73 -17.16 -14.07 19.76
N SER B 74 -16.30 -13.16 20.23
CA SER B 74 -16.09 -12.90 21.64
C SER B 74 -16.02 -11.41 21.93
N MET B 75 -16.34 -11.03 23.16
CA MET B 75 -15.97 -9.72 23.70
C MET B 75 -14.50 -9.76 24.11
N VAL B 76 -13.74 -8.81 23.55
CA VAL B 76 -12.32 -8.71 23.85
C VAL B 76 -11.99 -7.28 24.30
N ASP B 77 -10.76 -7.12 24.81
CA ASP B 77 -10.22 -5.84 25.23
C ASP B 77 -8.93 -5.58 24.46
N VAL B 78 -8.78 -4.37 23.93
CA VAL B 78 -7.61 -4.02 23.12
C VAL B 78 -6.74 -3.01 23.86
N GLU B 79 -5.48 -3.34 24.15
CA GLU B 79 -4.63 -2.49 24.97
C GLU B 79 -3.34 -2.11 24.24
N ASN B 80 -2.80 -0.93 24.64
CA ASN B 80 -1.44 -0.51 24.33
C ASN B 80 -0.63 -0.50 25.63
N ASN B 81 0.28 -1.49 25.77
CA ASN B 81 1.16 -1.59 26.93
C ASN B 81 2.52 -0.96 26.61
N GLY B 82 2.60 -0.19 25.50
CA GLY B 82 3.83 0.39 25.02
C GLY B 82 4.82 -0.65 24.47
N HIS B 83 4.39 -1.92 24.38
CA HIS B 83 5.23 -3.00 23.87
C HIS B 83 4.64 -3.61 22.60
N THR B 84 3.30 -3.55 22.52
CA THR B 84 2.53 -4.10 21.42
C THR B 84 1.10 -3.62 21.58
N ILE B 85 0.24 -3.96 20.60
CA ILE B 85 -1.20 -3.84 20.74
C ILE B 85 -1.78 -5.24 20.89
N GLN B 86 -2.44 -5.44 22.04
CA GLN B 86 -2.81 -6.78 22.46
C GLN B 86 -4.31 -6.87 22.66
N VAL B 87 -4.89 -7.97 22.18
CA VAL B 87 -6.32 -8.22 22.26
C VAL B 87 -6.53 -9.33 23.26
N ASN B 88 -7.08 -8.99 24.43
CA ASN B 88 -7.10 -9.92 25.54
C ASN B 88 -8.46 -10.59 25.58
N TYR B 89 -8.49 -11.83 26.07
CA TYR B 89 -9.67 -12.65 26.09
C TYR B 89 -10.03 -12.99 27.54
N PRO B 90 -10.91 -12.20 28.21
CA PRO B 90 -11.37 -12.55 29.55
C PRO B 90 -12.05 -13.92 29.65
N GLU B 91 -12.54 -14.48 28.52
CA GLU B 91 -13.18 -15.80 28.52
C GLU B 91 -12.45 -16.76 27.59
N GLY B 92 -12.49 -18.04 27.98
CA GLY B 92 -12.03 -19.16 27.17
C GLY B 92 -13.08 -19.56 26.13
N GLY B 93 -12.90 -20.74 25.50
CA GLY B 93 -13.83 -21.24 24.49
C GLY B 93 -13.45 -20.86 23.06
N ASN B 94 -12.51 -19.92 22.90
CA ASN B 94 -11.71 -19.79 21.69
C ASN B 94 -10.50 -20.71 21.85
N THR B 95 -10.49 -21.85 21.12
CA THR B 95 -9.48 -22.89 21.30
C THR B 95 -8.92 -23.41 19.97
N LEU B 96 -7.70 -23.95 20.08
CA LEU B 96 -7.08 -24.82 19.07
C LEU B 96 -7.03 -26.26 19.58
N THR B 97 -7.33 -27.21 18.68
CA THR B 97 -7.22 -28.63 18.99
C THR B 97 -6.18 -29.26 18.07
N VAL B 98 -4.96 -29.45 18.62
CA VAL B 98 -3.85 -30.05 17.90
C VAL B 98 -3.28 -31.20 18.72
N ASN B 99 -3.49 -32.41 18.20
CA ASN B 99 -2.88 -33.64 18.66
C ASN B 99 -3.74 -34.26 19.77
N GLY B 100 -5.01 -33.87 19.80
CA GLY B 100 -5.88 -34.27 20.89
C GLY B 100 -5.65 -33.41 22.16
N ARG B 101 -4.78 -32.38 22.08
CA ARG B 101 -4.65 -31.40 23.15
C ARG B 101 -5.42 -30.15 22.74
N THR B 102 -6.10 -29.55 23.71
CA THR B 102 -6.95 -28.40 23.49
C THR B 102 -6.30 -27.22 24.18
N TYR B 103 -5.92 -26.22 23.37
CA TYR B 103 -5.26 -25.02 23.85
C TYR B 103 -6.25 -23.87 23.79
N THR B 104 -6.28 -23.04 24.85
CA THR B 104 -7.22 -21.94 24.95
C THR B 104 -6.53 -20.61 24.66
N LEU B 105 -7.04 -19.89 23.66
CA LEU B 105 -6.57 -18.55 23.36
C LEU B 105 -6.83 -17.60 24.54
N LYS B 106 -5.74 -16.98 24.99
CA LYS B 106 -5.71 -16.00 26.07
C LYS B 106 -5.65 -14.58 25.51
N GLN B 107 -4.82 -14.40 24.47
CA GLN B 107 -4.68 -13.14 23.78
C GLN B 107 -3.95 -13.35 22.46
N PHE B 108 -4.11 -12.41 21.54
CA PHE B 108 -3.19 -12.29 20.43
C PHE B 108 -2.57 -10.89 20.45
N HIS B 109 -1.53 -10.71 19.64
CA HIS B 109 -0.87 -9.42 19.50
C HIS B 109 0.09 -9.50 18.33
N PHE B 110 0.76 -8.37 18.07
CA PHE B 110 1.48 -8.17 16.81
C PHE B 110 2.91 -7.70 17.06
N HIS B 111 3.79 -8.06 16.14
CA HIS B 111 5.10 -7.44 16.03
C HIS B 111 5.26 -6.85 14.63
N VAL B 112 5.65 -5.57 14.58
CA VAL B 112 6.03 -4.92 13.34
C VAL B 112 7.45 -4.41 13.45
N PRO B 113 8.37 -4.77 12.53
CA PRO B 113 8.21 -5.92 11.64
C PRO B 113 8.12 -7.28 12.29
N SER B 114 8.20 -8.33 11.46
CA SER B 114 8.16 -9.72 11.90
C SER B 114 9.28 -9.99 12.90
N GLU B 115 9.09 -11.03 13.72
CA GLU B 115 10.15 -11.59 14.56
C GLU B 115 10.78 -12.79 13.85
N ASN B 116 9.99 -13.86 13.66
CA ASN B 116 10.46 -15.04 12.94
C ASN B 116 10.71 -14.69 11.45
N GLN B 117 11.58 -15.49 10.83
CA GLN B 117 11.94 -15.37 9.43
C GLN B 117 11.89 -16.75 8.78
N ILE B 118 11.71 -16.75 7.45
CA ILE B 118 11.65 -17.96 6.66
C ILE B 118 12.72 -17.86 5.58
N LYS B 119 13.81 -18.62 5.81
CA LYS B 119 14.94 -18.70 4.90
C LYS B 119 15.41 -17.28 4.61
N GLY B 120 15.48 -16.48 5.68
CA GLY B 120 15.94 -15.10 5.65
C GLY B 120 14.86 -14.08 5.27
N ARG B 121 13.64 -14.54 4.95
CA ARG B 121 12.59 -13.63 4.50
C ARG B 121 11.99 -12.96 5.73
N THR B 122 11.70 -11.67 5.56
CA THR B 122 11.06 -10.86 6.57
C THR B 122 9.64 -10.54 6.12
N PHE B 123 8.83 -10.10 7.08
CA PHE B 123 7.45 -9.76 6.86
C PHE B 123 7.14 -8.48 7.62
N PRO B 124 6.52 -7.47 6.98
CA PRO B 124 6.12 -6.24 7.68
C PRO B 124 5.48 -6.43 9.05
N MET B 125 4.72 -7.52 9.22
CA MET B 125 4.06 -7.77 10.50
C MET B 125 4.03 -9.28 10.75
N GLU B 126 3.79 -9.60 12.02
CA GLU B 126 3.54 -10.95 12.47
C GLU B 126 2.55 -10.86 13.61
N ALA B 127 1.57 -11.77 13.64
CA ALA B 127 0.68 -11.89 14.79
C ALA B 127 1.07 -13.12 15.61
N HIS B 128 0.84 -13.04 16.94
CA HIS B 128 1.02 -14.16 17.86
C HIS B 128 -0.26 -14.41 18.64
N PHE B 129 -0.79 -15.63 18.46
CA PHE B 129 -1.97 -16.09 19.18
C PHE B 129 -1.51 -17.05 20.27
N VAL B 130 -1.63 -16.59 21.52
CA VAL B 130 -0.97 -17.19 22.66
C VAL B 130 -1.98 -18.07 23.38
N HIS B 131 -1.64 -19.36 23.57
CA HIS B 131 -2.53 -20.33 24.21
C HIS B 131 -1.83 -21.04 25.37
N LEU B 132 -2.66 -21.53 26.33
CA LEU B 132 -2.33 -22.59 27.27
C LEU B 132 -3.36 -23.72 27.16
N ASP B 133 -2.89 -24.98 27.19
CA ASP B 133 -3.76 -26.14 27.35
C ASP B 133 -4.03 -26.32 28.85
N GLU B 134 -4.93 -27.26 29.21
CA GLU B 134 -5.32 -27.50 30.60
C GLU B 134 -4.12 -27.63 31.55
N ASN B 135 -3.01 -28.23 31.09
CA ASN B 135 -1.84 -28.46 31.93
C ASN B 135 -0.87 -27.28 31.82
N LYS B 136 -1.40 -26.11 31.42
CA LYS B 136 -0.66 -24.84 31.38
C LYS B 136 0.52 -24.91 30.41
N GLN B 137 0.49 -25.79 29.40
CA GLN B 137 1.55 -25.85 28.41
C GLN B 137 1.32 -24.77 27.34
N PRO B 138 2.24 -23.78 27.23
CA PRO B 138 2.03 -22.65 26.33
C PRO B 138 2.26 -23.02 24.86
N LEU B 139 1.55 -22.30 23.97
CA LEU B 139 1.59 -22.54 22.52
C LEU B 139 1.26 -21.24 21.79
N VAL B 140 2.20 -20.78 20.94
CA VAL B 140 2.04 -19.58 20.14
C VAL B 140 1.90 -19.98 18.65
N LEU B 141 0.77 -19.59 18.05
CA LEU B 141 0.52 -19.77 16.63
C LEU B 141 0.74 -18.45 15.89
N ALA B 142 1.60 -18.46 14.87
CA ALA B 142 2.01 -17.20 14.27
C ALA B 142 1.52 -17.14 12.82
N VAL B 143 1.02 -15.94 12.49
CA VAL B 143 0.64 -15.54 11.14
C VAL B 143 1.72 -14.57 10.66
N LEU B 144 2.03 -14.57 9.36
CA LEU B 144 3.01 -13.65 8.82
C LEU B 144 2.39 -12.80 7.69
N TYR B 145 2.74 -11.51 7.66
CA TYR B 145 2.08 -10.61 6.75
C TYR B 145 3.09 -10.12 5.71
N GLU B 146 3.11 -10.78 4.53
CA GLU B 146 3.62 -10.21 3.30
C GLU B 146 3.17 -8.75 3.20
N ALA B 147 4.00 -7.92 2.56
CA ALA B 147 3.53 -6.64 2.04
C ALA B 147 2.51 -6.91 0.94
N GLY B 148 1.42 -6.12 0.90
CA GLY B 148 0.41 -6.22 -0.12
C GLY B 148 -0.59 -5.07 -0.02
N LYS B 149 -1.86 -5.39 -0.31
CA LYS B 149 -2.97 -4.45 -0.22
C LYS B 149 -3.46 -4.37 1.23
N THR B 150 -4.35 -3.41 1.53
CA THR B 150 -4.98 -3.30 2.84
C THR B 150 -5.61 -4.63 3.29
N ASN B 151 -5.32 -4.99 4.56
CA ASN B 151 -5.99 -6.06 5.28
C ASN B 151 -7.31 -5.52 5.83
N GLY B 152 -8.40 -5.85 5.12
CA GLY B 152 -9.74 -5.50 5.55
C GLY B 152 -9.97 -5.92 6.99
N ARG B 153 -9.59 -7.15 7.32
CA ARG B 153 -10.07 -7.83 8.51
C ARG B 153 -9.45 -7.24 9.79
N LEU B 154 -8.43 -6.40 9.61
CA LEU B 154 -7.76 -5.78 10.74
C LEU B 154 -8.39 -4.42 11.06
N SER B 155 -9.27 -3.90 10.19
CA SER B 155 -9.65 -2.50 10.32
C SER B 155 -10.48 -2.25 11.58
N SER B 156 -11.28 -3.24 12.04
CA SER B 156 -12.04 -3.08 13.28
C SER B 156 -11.08 -2.86 14.45
N ILE B 157 -9.99 -3.62 14.46
CA ILE B 157 -8.98 -3.54 15.51
C ILE B 157 -8.10 -2.30 15.31
N TRP B 158 -7.77 -1.97 14.05
CA TRP B 158 -6.87 -0.86 13.75
C TRP B 158 -7.55 0.48 13.96
N ASN B 159 -8.88 0.53 13.97
CA ASN B 159 -9.55 1.82 14.08
C ASN B 159 -9.54 2.25 15.53
N VAL B 160 -9.99 1.35 16.42
CA VAL B 160 -10.11 1.69 17.82
C VAL B 160 -8.78 1.46 18.53
N MET B 161 -7.76 0.98 17.80
CA MET B 161 -6.42 0.75 18.32
C MET B 161 -5.97 1.96 19.15
N PRO B 162 -5.73 1.79 20.46
CA PRO B 162 -5.29 2.89 21.32
C PRO B 162 -3.83 3.28 21.11
N MET B 163 -3.59 4.60 21.07
CA MET B 163 -2.30 5.13 20.70
C MET B 163 -1.51 5.63 21.90
N THR B 164 -1.62 5.03 23.13
CA THR B 164 -0.66 5.33 24.20
C THR B 164 -0.50 4.23 25.26
N ALA B 165 -1.38 4.19 26.27
CA ALA B 165 -1.33 3.15 27.31
C ALA B 165 -2.74 2.84 27.86
N GLY B 166 -3.78 3.14 27.05
CA GLY B 166 -5.15 2.91 27.42
C GLY B 166 -5.59 1.52 26.96
N LYS B 167 -6.85 1.16 27.29
CA LYS B 167 -7.48 -0.04 26.79
C LYS B 167 -8.81 0.39 26.17
N VAL B 168 -9.19 -0.20 25.03
CA VAL B 168 -10.53 0.03 24.48
C VAL B 168 -11.32 -1.24 24.77
N LYS B 169 -12.05 -1.17 25.89
CA LYS B 169 -12.62 -2.33 26.57
C LYS B 169 -13.90 -2.78 25.88
N LEU B 170 -14.09 -4.11 25.80
CA LEU B 170 -15.26 -4.73 25.19
C LEU B 170 -15.56 -4.08 23.84
N ASN B 171 -15.24 -2.76 23.72
CA ASN B 171 -15.10 -2.01 22.46
C ASN B 171 -14.35 -2.83 21.43
N GLN B 172 -14.79 -4.09 21.40
CA GLN B 172 -14.04 -5.20 20.88
C GLN B 172 -14.94 -6.43 21.06
N PRO B 173 -15.99 -6.56 20.21
CA PRO B 173 -16.46 -7.86 19.76
C PRO B 173 -15.54 -8.25 18.62
N PHE B 174 -15.15 -9.50 18.53
CA PHE B 174 -14.17 -9.86 17.53
C PHE B 174 -14.15 -11.38 17.40
N ASP B 175 -13.91 -11.82 16.16
CA ASP B 175 -13.89 -13.23 15.82
C ASP B 175 -12.57 -13.52 15.11
N ALA B 176 -11.62 -14.16 15.83
CA ALA B 176 -10.24 -14.30 15.37
C ALA B 176 -10.13 -15.27 14.19
N SER B 177 -11.20 -16.05 13.99
CA SER B 177 -11.38 -16.90 12.81
C SER B 177 -10.94 -16.18 11.54
N THR B 178 -11.29 -14.87 11.47
CA THR B 178 -11.03 -14.00 10.33
C THR B 178 -9.54 -14.04 10.00
N LEU B 179 -8.71 -13.96 11.04
CA LEU B 179 -7.31 -13.60 10.89
C LEU B 179 -6.49 -14.84 10.58
N LEU B 180 -7.07 -16.04 10.77
CA LEU B 180 -6.41 -17.31 10.48
C LEU B 180 -6.77 -17.77 9.07
N PRO B 181 -5.82 -18.31 8.29
CA PRO B 181 -6.07 -18.69 6.90
C PRO B 181 -6.79 -20.04 6.85
N LYS B 182 -7.45 -20.31 5.71
CA LYS B 182 -8.20 -21.55 5.52
C LYS B 182 -7.21 -22.73 5.45
N ARG B 183 -6.04 -22.56 4.81
CA ARG B 183 -4.97 -23.55 4.81
C ARG B 183 -4.07 -23.35 6.03
N LEU B 184 -3.98 -24.39 6.87
CA LEU B 184 -3.29 -24.32 8.15
C LEU B 184 -2.07 -25.25 8.18
N LYS B 185 -1.28 -25.29 7.11
CA LYS B 185 0.01 -25.97 7.17
C LYS B 185 0.96 -25.07 7.96
N TYR B 186 1.95 -25.69 8.62
CA TYR B 186 2.75 -24.97 9.60
C TYR B 186 4.12 -25.61 9.79
N TYR B 187 5.11 -24.74 10.01
CA TYR B 187 6.37 -25.08 10.63
C TYR B 187 6.18 -25.23 12.15
N ARG B 188 6.91 -26.20 12.74
CA ARG B 188 6.74 -26.56 14.14
C ARG B 188 8.11 -26.73 14.81
N PHE B 189 8.23 -26.23 16.04
CA PHE B 189 9.48 -26.29 16.78
C PHE B 189 9.25 -25.78 18.20
N ALA B 190 10.28 -25.88 19.03
CA ALA B 190 10.21 -25.38 20.40
C ALA B 190 10.94 -24.04 20.54
N GLY B 191 10.48 -23.23 21.49
CA GLY B 191 11.32 -22.14 21.94
C GLY B 191 10.85 -21.55 23.26
N SER B 192 10.44 -20.28 23.18
CA SER B 192 10.39 -19.35 24.29
C SER B 192 9.42 -18.22 23.97
N LEU B 193 9.23 -17.36 24.96
CA LEU B 193 8.62 -16.07 24.75
C LEU B 193 9.70 -15.20 24.13
N THR B 194 9.28 -14.21 23.33
CA THR B 194 10.18 -13.28 22.65
C THR B 194 10.31 -11.98 23.45
N THR B 195 9.67 -11.96 24.63
CA THR B 195 9.78 -10.86 25.56
C THR B 195 10.33 -11.37 26.90
N PRO B 196 10.88 -10.48 27.74
CA PRO B 196 11.25 -10.86 29.09
C PRO B 196 9.98 -11.26 29.85
N PRO B 197 10.03 -12.35 30.66
CA PRO B 197 11.29 -13.06 30.96
C PRO B 197 11.90 -14.07 29.97
N CYS B 198 11.36 -14.13 28.73
CA CYS B 198 11.89 -15.01 27.70
C CYS B 198 11.77 -16.49 28.09
N THR B 199 10.81 -16.81 28.98
CA THR B 199 10.56 -18.16 29.45
C THR B 199 10.60 -19.15 28.28
N GLU B 200 11.22 -20.31 28.51
CA GLU B 200 11.28 -21.37 27.51
C GLU B 200 10.15 -22.36 27.76
N GLY B 201 10.20 -23.49 27.03
CA GLY B 201 9.12 -24.47 27.00
C GLY B 201 7.89 -23.99 26.23
N VAL B 202 8.09 -23.17 25.19
CA VAL B 202 6.99 -22.62 24.41
C VAL B 202 6.96 -23.29 23.03
N SER B 203 5.78 -23.84 22.69
CA SER B 203 5.45 -24.48 21.42
C SER B 203 5.15 -23.42 20.34
N TRP B 204 5.66 -23.65 19.12
CA TRP B 204 5.58 -22.67 18.05
C TRP B 204 5.07 -23.30 16.77
N LEU B 205 3.95 -22.78 16.28
CA LEU B 205 3.41 -23.21 15.00
C LEU B 205 3.35 -21.96 14.13
N VAL B 206 4.30 -21.83 13.21
CA VAL B 206 4.28 -20.72 12.28
C VAL B 206 3.58 -21.20 11.02
N LEU B 207 2.52 -20.50 10.61
CA LEU B 207 1.73 -20.92 9.48
C LEU B 207 2.43 -20.55 8.17
N LYS B 208 2.22 -21.39 7.17
CA LYS B 208 2.96 -21.34 5.91
C LYS B 208 2.28 -20.41 4.91
N THR B 209 1.00 -20.12 5.16
CA THR B 209 0.19 -19.19 4.37
C THR B 209 0.23 -17.77 4.97
N TYR B 210 0.76 -16.85 4.16
CA TYR B 210 0.91 -15.46 4.56
C TYR B 210 -0.38 -14.69 4.33
N ASP B 211 -0.68 -13.77 5.24
CA ASP B 211 -1.70 -12.74 5.06
C ASP B 211 -1.01 -11.54 4.39
N HIS B 212 -1.53 -10.33 4.60
CA HIS B 212 -1.00 -9.13 3.95
C HIS B 212 -1.37 -7.88 4.76
N ILE B 213 -0.47 -6.87 4.78
CA ILE B 213 -0.83 -5.52 5.18
C ILE B 213 -0.27 -4.53 4.17
N ASP B 214 -0.87 -3.33 4.15
CA ASP B 214 -0.34 -2.17 3.47
C ASP B 214 0.62 -1.46 4.43
N GLN B 215 1.35 -0.47 3.89
CA GLN B 215 2.38 0.23 4.63
C GLN B 215 1.76 1.13 5.69
N ALA B 216 0.51 1.58 5.44
CA ALA B 216 -0.17 2.54 6.29
C ALA B 216 -0.57 1.91 7.61
N GLN B 217 -1.05 0.66 7.52
CA GLN B 217 -1.45 -0.11 8.67
C GLN B 217 -0.22 -0.44 9.50
N ALA B 218 0.90 -0.72 8.84
CA ALA B 218 2.12 -1.06 9.56
C ALA B 218 2.65 0.17 10.31
N GLU B 219 2.61 1.36 9.67
CA GLU B 219 3.06 2.62 10.26
C GLU B 219 2.19 2.99 11.45
N LYS B 220 0.87 2.77 11.33
CA LYS B 220 -0.08 3.14 12.38
C LYS B 220 0.23 2.36 13.66
N PHE B 221 0.49 1.05 13.50
CA PHE B 221 0.96 0.17 14.56
C PHE B 221 2.25 0.67 15.21
N THR B 222 3.20 1.11 14.40
CA THR B 222 4.48 1.59 14.92
C THR B 222 4.34 2.93 15.63
N ARG B 223 3.55 3.87 15.07
CA ARG B 223 3.19 5.10 15.79
C ARG B 223 2.70 4.76 17.21
N ALA B 224 1.71 3.84 17.27
CA ALA B 224 0.93 3.55 18.48
C ALA B 224 1.81 3.03 19.63
N VAL B 225 2.64 2.01 19.34
CA VAL B 225 3.53 1.36 20.31
C VAL B 225 4.77 2.23 20.61
N GLY B 226 5.17 3.11 19.68
CA GLY B 226 6.30 4.02 19.90
C GLY B 226 7.65 3.41 19.53
N SER B 227 7.67 2.27 18.82
CA SER B 227 8.89 1.62 18.37
C SER B 227 8.58 0.34 17.58
N GLU B 228 9.55 -0.09 16.76
CA GLU B 228 9.56 -1.43 16.17
C GLU B 228 9.84 -2.50 17.24
N ASN B 229 8.83 -3.36 17.45
CA ASN B 229 8.76 -4.25 18.60
C ASN B 229 9.13 -5.68 18.22
N ASN B 230 10.20 -5.85 17.43
CA ASN B 230 10.64 -7.18 17.05
C ASN B 230 12.04 -7.47 17.59
N ARG B 231 12.26 -8.73 18.02
CA ARG B 231 13.52 -9.19 18.59
C ARG B 231 14.37 -9.86 17.51
N PRO B 232 15.72 -9.69 17.52
CA PRO B 232 16.56 -10.42 16.59
C PRO B 232 16.39 -11.94 16.74
N VAL B 233 16.41 -12.62 15.59
CA VAL B 233 16.35 -14.07 15.57
C VAL B 233 17.51 -14.63 16.40
N GLN B 234 17.28 -15.84 16.90
CA GLN B 234 18.20 -16.52 17.79
C GLN B 234 18.61 -17.84 17.12
N PRO B 235 19.82 -18.34 17.46
CA PRO B 235 20.28 -19.65 17.02
C PRO B 235 19.31 -20.76 17.39
N LEU B 236 19.09 -21.68 16.45
CA LEU B 236 18.34 -22.89 16.70
C LEU B 236 19.06 -23.77 17.72
N ASN B 237 20.37 -23.95 17.49
CA ASN B 237 21.22 -24.88 18.22
C ASN B 237 20.81 -26.33 17.95
N ALA B 238 20.28 -27.01 18.98
CA ALA B 238 20.04 -28.44 18.87
C ALA B 238 18.66 -28.67 18.27
N ARG B 239 17.87 -27.60 18.20
CA ARG B 239 16.48 -27.66 17.78
C ARG B 239 16.41 -28.02 16.30
N VAL B 240 15.29 -28.66 15.94
CA VAL B 240 14.94 -28.95 14.56
C VAL B 240 13.51 -28.44 14.31
N VAL B 241 13.37 -27.62 13.25
CA VAL B 241 12.06 -27.21 12.77
C VAL B 241 11.52 -28.28 11.82
N ILE B 242 10.29 -28.71 12.06
CA ILE B 242 9.59 -29.65 11.20
C ILE B 242 8.67 -28.86 10.25
N GLU B 243 8.85 -29.07 8.94
CA GLU B 243 7.93 -28.54 7.96
C GLU B 243 6.98 -29.65 7.48
N THR C 22 -7.75 19.71 -30.78
CA THR C 22 -9.25 19.67 -30.65
C THR C 22 -9.63 19.00 -29.32
N HIS C 23 -9.78 19.80 -28.25
CA HIS C 23 -9.64 19.32 -26.90
C HIS C 23 -10.63 18.20 -26.60
N TRP C 24 -10.16 17.25 -25.77
CA TRP C 24 -10.96 16.15 -25.30
C TRP C 24 -10.44 15.69 -23.94
N GLY C 25 -11.28 14.98 -23.19
CA GLY C 25 -10.97 14.61 -21.81
C GLY C 25 -12.12 13.80 -21.22
N TYR C 26 -12.18 13.80 -19.88
CA TYR C 26 -12.96 12.81 -19.11
C TYR C 26 -13.93 13.47 -18.11
N THR C 27 -13.79 14.80 -17.94
CA THR C 27 -14.75 15.60 -17.20
C THR C 27 -15.27 16.70 -18.14
N GLY C 28 -16.33 17.39 -17.71
CA GLY C 28 -16.80 18.61 -18.35
C GLY C 28 -17.47 18.34 -19.70
N HIS C 29 -17.43 19.37 -20.57
CA HIS C 29 -18.18 19.39 -21.81
C HIS C 29 -17.66 18.37 -22.83
N ASP C 30 -16.39 18.00 -22.68
CA ASP C 30 -15.65 17.27 -23.70
C ASP C 30 -15.39 15.84 -23.20
N SER C 31 -16.37 15.29 -22.48
CA SER C 31 -16.22 13.99 -21.83
C SER C 31 -16.55 12.87 -22.82
N PRO C 32 -16.17 11.60 -22.54
CA PRO C 32 -16.36 10.49 -23.50
C PRO C 32 -17.66 10.43 -24.31
N GLU C 33 -18.80 10.43 -23.60
CA GLU C 33 -20.16 10.56 -24.10
C GLU C 33 -20.37 11.72 -25.07
N SER C 34 -19.39 12.62 -25.21
CA SER C 34 -19.50 13.84 -26.02
C SER C 34 -18.47 13.91 -27.15
N TRP C 35 -17.54 12.93 -27.16
CA TRP C 35 -16.41 12.90 -28.08
C TRP C 35 -16.86 12.92 -29.55
N GLY C 36 -17.92 12.16 -29.86
CA GLY C 36 -18.52 12.15 -31.19
C GLY C 36 -18.83 13.54 -31.75
N ASN C 37 -19.24 14.48 -30.89
CA ASN C 37 -19.68 15.79 -31.36
C ASN C 37 -18.52 16.79 -31.39
N LEU C 38 -17.52 16.62 -30.50
CA LEU C 38 -16.41 17.56 -30.39
C LEU C 38 -15.85 17.91 -31.77
N SER C 39 -15.75 16.90 -32.65
CA SER C 39 -15.46 17.11 -34.07
C SER C 39 -16.05 15.96 -34.89
N GLU C 40 -15.92 16.08 -36.21
CA GLU C 40 -16.37 15.07 -37.18
C GLU C 40 -15.34 13.93 -37.27
N GLU C 41 -14.07 14.22 -36.97
CA GLU C 41 -13.01 13.24 -37.05
C GLU C 41 -13.12 12.26 -35.89
N PHE C 42 -13.85 12.67 -34.84
CA PHE C 42 -14.10 11.86 -33.65
C PHE C 42 -15.45 11.13 -33.73
N ARG C 43 -16.05 11.12 -34.93
CA ARG C 43 -17.40 10.64 -35.15
C ARG C 43 -17.53 9.26 -34.55
N LEU C 44 -16.59 8.38 -34.93
CA LEU C 44 -16.74 6.95 -34.72
C LEU C 44 -16.77 6.63 -33.22
N CYS C 45 -16.27 7.58 -32.39
CA CYS C 45 -16.32 7.41 -30.94
C CYS C 45 -17.75 7.12 -30.48
N SER C 46 -18.79 7.68 -31.14
CA SER C 46 -20.18 7.45 -30.73
C SER C 46 -20.92 6.48 -31.66
N THR C 47 -20.65 6.53 -32.97
CA THR C 47 -21.30 5.66 -33.95
C THR C 47 -20.64 4.29 -34.03
N GLY C 48 -19.43 4.13 -33.50
CA GLY C 48 -18.72 2.85 -33.58
C GLY C 48 -19.50 1.71 -32.94
N LYS C 49 -19.40 0.53 -33.58
CA LYS C 49 -19.99 -0.72 -33.12
C LYS C 49 -18.93 -1.70 -32.58
N ASN C 50 -17.65 -1.31 -32.65
CA ASN C 50 -16.53 -2.21 -32.36
C ASN C 50 -15.50 -1.47 -31.50
N GLN C 51 -15.98 -0.85 -30.41
CA GLN C 51 -15.21 0.15 -29.66
C GLN C 51 -14.56 -0.50 -28.42
N SER C 52 -13.44 0.09 -27.94
CA SER C 52 -12.79 -0.31 -26.70
C SER C 52 -12.85 0.81 -25.66
N PRO C 53 -12.89 0.51 -24.33
CA PRO C 53 -12.68 -0.83 -23.78
C PRO C 53 -13.96 -1.65 -23.74
N VAL C 54 -13.92 -2.84 -23.13
CA VAL C 54 -15.06 -3.75 -23.08
C VAL C 54 -15.00 -4.59 -21.82
N ASN C 55 -16.18 -4.95 -21.29
CA ASN C 55 -16.29 -5.91 -20.20
C ASN C 55 -16.16 -7.34 -20.73
N ILE C 56 -15.16 -8.09 -20.26
CA ILE C 56 -14.98 -9.47 -20.70
C ILE C 56 -15.80 -10.40 -19.80
N THR C 57 -16.85 -10.99 -20.37
CA THR C 57 -17.69 -11.96 -19.67
C THR C 57 -17.74 -13.24 -20.49
N GLU C 58 -18.43 -13.18 -21.64
CA GLU C 58 -18.63 -14.33 -22.52
C GLU C 58 -17.45 -14.46 -23.48
N THR C 59 -16.64 -15.49 -23.21
CA THR C 59 -15.54 -15.83 -24.08
C THR C 59 -15.87 -17.14 -24.79
N VAL C 60 -15.17 -17.38 -25.90
CA VAL C 60 -15.12 -18.67 -26.57
C VAL C 60 -13.72 -19.24 -26.38
N SER C 61 -13.64 -20.46 -25.86
CA SER C 61 -12.36 -21.11 -25.63
C SER C 61 -11.75 -21.53 -26.98
N GLY C 62 -10.64 -20.89 -27.33
CA GLY C 62 -9.91 -21.21 -28.55
C GLY C 62 -8.43 -21.46 -28.26
N LYS C 63 -7.68 -21.83 -29.31
CA LYS C 63 -6.28 -22.17 -29.20
C LYS C 63 -5.44 -21.05 -29.81
N LEU C 64 -5.20 -19.99 -29.02
CA LEU C 64 -4.61 -18.76 -29.53
C LEU C 64 -3.12 -18.97 -29.82
N PRO C 65 -2.54 -18.27 -30.83
CA PRO C 65 -1.09 -18.26 -30.98
C PRO C 65 -0.42 -17.70 -29.72
N ALA C 66 0.68 -18.32 -29.29
CA ALA C 66 1.52 -17.84 -28.19
C ALA C 66 2.26 -16.55 -28.57
N ILE C 67 2.38 -15.64 -27.59
CA ILE C 67 3.15 -14.42 -27.71
C ILE C 67 4.60 -14.75 -27.38
N LYS C 68 5.55 -14.40 -28.27
CA LYS C 68 6.95 -14.22 -27.88
C LYS C 68 7.21 -12.73 -27.73
N VAL C 69 7.95 -12.39 -26.65
CA VAL C 69 8.21 -11.03 -26.23
C VAL C 69 9.70 -10.74 -26.33
N ASN C 70 10.13 -9.96 -27.33
CA ASN C 70 11.53 -9.59 -27.41
C ASN C 70 11.69 -8.11 -27.07
N TYR C 71 11.77 -7.86 -25.76
CA TYR C 71 11.98 -6.53 -25.24
C TYR C 71 13.34 -6.48 -24.57
N LYS C 72 14.01 -5.34 -24.70
CA LYS C 72 15.40 -5.17 -24.29
C LYS C 72 15.55 -3.81 -23.63
N PRO C 73 16.68 -3.58 -22.89
CA PRO C 73 17.00 -2.25 -22.37
C PRO C 73 17.21 -1.24 -23.50
N SER C 74 16.53 -0.10 -23.35
CA SER C 74 16.33 0.85 -24.43
C SER C 74 16.41 2.24 -23.83
N MET C 75 16.30 3.23 -24.71
CA MET C 75 16.37 4.63 -24.33
C MET C 75 15.00 5.22 -24.66
N VAL C 76 14.28 5.65 -23.62
CA VAL C 76 12.87 6.01 -23.76
C VAL C 76 12.65 7.45 -23.26
N ASP C 77 11.65 8.11 -23.88
CA ASP C 77 11.21 9.45 -23.55
C ASP C 77 9.86 9.37 -22.81
N VAL C 78 9.81 9.98 -21.61
CA VAL C 78 8.65 9.85 -20.76
C VAL C 78 7.89 11.18 -20.75
N GLU C 79 6.57 11.09 -20.94
CA GLU C 79 5.80 12.19 -21.48
C GLU C 79 4.39 12.26 -20.86
N ASN C 80 4.07 13.43 -20.29
CA ASN C 80 2.73 13.78 -19.83
C ASN C 80 2.10 14.59 -20.95
N ASN C 81 0.99 14.09 -21.50
CA ASN C 81 0.24 14.81 -22.52
C ASN C 81 -1.12 15.24 -21.98
N GLY C 82 -1.23 15.33 -20.66
CA GLY C 82 -2.45 15.76 -19.99
C GLY C 82 -3.64 14.84 -20.32
N HIS C 83 -3.36 13.63 -20.86
CA HIS C 83 -4.34 12.55 -20.92
C HIS C 83 -3.79 11.30 -20.27
N THR C 84 -2.48 11.07 -20.41
CA THR C 84 -1.82 9.96 -19.75
C THR C 84 -0.34 10.32 -19.49
N ILE C 85 0.39 9.38 -18.89
CA ILE C 85 1.84 9.37 -18.95
C ILE C 85 2.24 8.28 -19.94
N GLN C 86 3.11 8.63 -20.88
CA GLN C 86 3.41 7.75 -21.97
C GLN C 86 4.92 7.60 -22.12
N VAL C 87 5.37 6.33 -22.22
CA VAL C 87 6.78 6.03 -22.35
C VAL C 87 7.07 5.66 -23.80
N ASN C 88 7.73 6.58 -24.50
CA ASN C 88 7.81 6.58 -25.96
C ASN C 88 9.09 5.84 -26.37
N TYR C 89 9.03 5.13 -27.50
CA TYR C 89 10.17 4.38 -28.03
C TYR C 89 10.53 4.91 -29.43
N PRO C 90 11.44 5.92 -29.51
CA PRO C 90 11.90 6.44 -30.80
C PRO C 90 12.47 5.42 -31.78
N GLU C 91 13.37 4.56 -31.28
CA GLU C 91 13.98 3.48 -32.05
C GLU C 91 13.07 2.26 -32.00
N GLY C 92 13.35 1.26 -32.85
CA GLY C 92 12.70 -0.03 -32.82
C GLY C 92 13.54 -1.06 -32.08
N GLY C 93 13.12 -2.33 -32.19
CA GLY C 93 13.83 -3.45 -31.59
C GLY C 93 13.21 -3.90 -30.27
N ASN C 94 12.10 -3.29 -29.86
CA ASN C 94 11.25 -3.90 -28.87
C ASN C 94 10.09 -4.51 -29.65
N THR C 95 10.03 -5.84 -29.75
CA THR C 95 9.02 -6.48 -30.58
C THR C 95 8.21 -7.52 -29.78
N LEU C 96 6.96 -7.70 -30.22
CA LEU C 96 6.18 -8.91 -30.01
C LEU C 96 6.17 -9.74 -31.29
N THR C 97 6.04 -11.05 -31.12
CA THR C 97 5.78 -11.96 -32.24
C THR C 97 4.60 -12.87 -31.88
N VAL C 98 3.53 -12.76 -32.67
CA VAL C 98 2.40 -13.63 -32.49
C VAL C 98 1.86 -14.00 -33.86
N ASN C 99 1.70 -15.31 -34.04
CA ASN C 99 1.22 -15.92 -35.27
C ASN C 99 2.15 -15.56 -36.43
N GLY C 100 3.46 -15.62 -36.16
CA GLY C 100 4.49 -15.42 -37.16
C GLY C 100 4.66 -13.95 -37.57
N ARG C 101 3.80 -13.05 -37.05
CA ARG C 101 3.80 -11.64 -37.39
C ARG C 101 4.61 -10.91 -36.33
N THR C 102 5.29 -9.82 -36.72
CA THR C 102 6.22 -9.13 -35.84
C THR C 102 5.73 -7.71 -35.59
N TYR C 103 5.44 -7.41 -34.30
CA TYR C 103 4.87 -6.14 -33.89
C TYR C 103 5.91 -5.37 -33.10
N THR C 104 6.24 -4.16 -33.57
CA THR C 104 7.18 -3.31 -32.86
C THR C 104 6.42 -2.45 -31.85
N LEU C 105 6.86 -2.51 -30.58
CA LEU C 105 6.42 -1.61 -29.53
C LEU C 105 6.75 -0.16 -29.92
N LYS C 106 5.70 0.68 -29.96
CA LYS C 106 5.83 2.09 -30.27
C LYS C 106 5.83 2.90 -28.98
N GLN C 107 4.95 2.55 -28.03
CA GLN C 107 4.92 3.19 -26.72
C GLN C 107 4.00 2.43 -25.78
N PHE C 108 4.21 2.61 -24.47
CA PHE C 108 3.27 2.14 -23.48
C PHE C 108 2.83 3.32 -22.62
N HIS C 109 1.64 3.18 -22.03
CA HIS C 109 0.99 4.23 -21.26
C HIS C 109 -0.08 3.59 -20.37
N PHE C 110 -0.70 4.39 -19.51
CA PHE C 110 -1.52 3.84 -18.46
C PHE C 110 -2.89 4.52 -18.43
N HIS C 111 -3.84 3.81 -17.84
CA HIS C 111 -5.07 4.44 -17.42
C HIS C 111 -5.27 4.11 -15.94
N VAL C 112 -5.72 5.10 -15.18
CA VAL C 112 -6.18 4.88 -13.83
C VAL C 112 -7.55 5.52 -13.68
N PRO C 113 -8.58 4.72 -13.32
CA PRO C 113 -8.45 3.27 -13.24
C PRO C 113 -8.36 2.56 -14.59
N SER C 114 -8.41 1.22 -14.53
CA SER C 114 -8.40 0.42 -15.74
C SER C 114 -9.59 0.83 -16.61
N GLU C 115 -9.48 0.52 -17.90
CA GLU C 115 -10.52 0.74 -18.90
C GLU C 115 -11.29 -0.56 -19.16
N ASN C 116 -10.55 -1.67 -19.35
CA ASN C 116 -11.11 -2.99 -19.65
C ASN C 116 -11.45 -3.67 -18.33
N GLN C 117 -12.46 -4.53 -18.37
CA GLN C 117 -12.90 -5.24 -17.17
C GLN C 117 -12.95 -6.75 -17.45
N ILE C 118 -12.83 -7.52 -16.36
CA ILE C 118 -13.14 -8.94 -16.38
C ILE C 118 -14.37 -9.15 -15.48
N LYS C 119 -15.48 -9.61 -16.09
CA LYS C 119 -16.73 -9.87 -15.37
C LYS C 119 -17.00 -8.75 -14.38
N GLY C 120 -17.06 -7.50 -14.87
CA GLY C 120 -17.52 -6.35 -14.09
C GLY C 120 -16.41 -5.74 -13.22
N ARG C 121 -15.33 -6.49 -13.04
CA ARG C 121 -14.25 -6.04 -12.18
C ARG C 121 -13.40 -5.03 -12.94
N THR C 122 -13.25 -3.84 -12.34
CA THR C 122 -12.30 -2.85 -12.80
C THR C 122 -11.14 -2.84 -11.84
N PHE C 123 -9.92 -2.62 -12.39
CA PHE C 123 -8.65 -2.69 -11.69
C PHE C 123 -8.12 -1.27 -11.46
N PRO C 124 -7.39 -1.04 -10.34
CA PRO C 124 -6.82 0.28 -10.03
C PRO C 124 -6.04 0.94 -11.16
N MET C 125 -5.38 0.12 -11.99
CA MET C 125 -4.62 0.63 -13.13
C MET C 125 -4.54 -0.44 -14.24
N GLU C 126 -4.33 0.08 -15.45
CA GLU C 126 -4.15 -0.74 -16.64
C GLU C 126 -3.01 -0.10 -17.43
N ALA C 127 -2.11 -0.95 -17.97
CA ALA C 127 -1.16 -0.48 -18.95
C ALA C 127 -1.58 -0.94 -20.34
N HIS C 128 -1.20 -0.10 -21.31
CA HIS C 128 -1.38 -0.37 -22.73
C HIS C 128 -0.04 -0.24 -23.45
N PHE C 129 0.39 -1.38 -24.00
CA PHE C 129 1.57 -1.44 -24.86
C PHE C 129 1.09 -1.44 -26.30
N VAL C 130 1.56 -0.41 -27.03
CA VAL C 130 1.01 -0.10 -28.33
C VAL C 130 2.04 -0.47 -29.40
N HIS C 131 1.63 -1.34 -30.35
CA HIS C 131 2.51 -1.86 -31.37
C HIS C 131 1.93 -1.64 -32.75
N LEU C 132 2.82 -1.66 -33.76
CA LEU C 132 2.46 -1.79 -35.17
C LEU C 132 3.23 -2.96 -35.77
N ASP C 133 2.62 -3.67 -36.74
CA ASP C 133 3.38 -4.57 -37.61
C ASP C 133 3.86 -3.77 -38.83
N GLU C 134 4.57 -4.45 -39.74
CA GLU C 134 5.11 -3.78 -40.90
C GLU C 134 4.03 -3.50 -41.94
N ASN C 135 2.81 -4.02 -41.76
CA ASN C 135 1.68 -3.65 -42.61
C ASN C 135 0.90 -2.49 -41.98
N LYS C 136 1.44 -1.91 -40.89
CA LYS C 136 0.84 -0.77 -40.20
C LYS C 136 -0.36 -1.17 -39.32
N GLN C 137 -0.57 -2.47 -39.07
CA GLN C 137 -1.76 -2.92 -38.35
C GLN C 137 -1.51 -2.82 -36.84
N PRO C 138 -2.35 -2.02 -36.13
CA PRO C 138 -2.12 -1.69 -34.71
C PRO C 138 -2.62 -2.74 -33.72
N LEU C 139 -1.81 -2.99 -32.71
CA LEU C 139 -2.10 -4.04 -31.74
C LEU C 139 -1.69 -3.55 -30.36
N VAL C 140 -2.64 -3.64 -29.43
CA VAL C 140 -2.43 -3.21 -28.06
C VAL C 140 -2.35 -4.44 -27.16
N LEU C 141 -1.32 -4.44 -26.32
CA LEU C 141 -1.17 -5.45 -25.29
C LEU C 141 -1.38 -4.78 -23.94
N ALA C 142 -2.31 -5.35 -23.17
CA ALA C 142 -2.77 -4.76 -21.93
C ALA C 142 -2.32 -5.62 -20.73
N VAL C 143 -1.94 -4.92 -19.66
CA VAL C 143 -1.62 -5.53 -18.38
C VAL C 143 -2.52 -4.87 -17.34
N LEU C 144 -3.02 -5.66 -16.38
CA LEU C 144 -3.98 -5.18 -15.41
C LEU C 144 -3.37 -5.21 -14.00
N TYR C 145 -3.59 -4.13 -13.23
CA TYR C 145 -2.96 -4.04 -11.93
C TYR C 145 -4.01 -4.22 -10.83
N GLU C 146 -3.84 -5.31 -10.06
CA GLU C 146 -4.55 -5.49 -8.81
C GLU C 146 -4.03 -4.47 -7.83
N ALA C 147 -4.85 -4.21 -6.79
CA ALA C 147 -4.38 -3.53 -5.60
C ALA C 147 -3.38 -4.43 -4.89
N GLY C 148 -2.27 -3.85 -4.41
CA GLY C 148 -1.35 -4.66 -3.63
C GLY C 148 -0.10 -3.91 -3.21
N LYS C 149 0.98 -4.70 -3.18
CA LYS C 149 2.32 -4.23 -2.85
C LYS C 149 2.75 -3.14 -3.83
N THR C 150 3.68 -2.28 -3.41
CA THR C 150 4.24 -1.26 -4.30
C THR C 150 4.84 -1.93 -5.54
N ASN C 151 4.78 -1.26 -6.70
CA ASN C 151 5.32 -1.82 -7.92
C ASN C 151 6.72 -1.23 -8.13
N GLY C 152 7.73 -2.05 -7.85
CA GLY C 152 9.12 -1.65 -7.91
C GLY C 152 9.59 -1.35 -9.34
N ARG C 153 9.08 -2.11 -10.32
CA ARG C 153 9.65 -2.07 -11.66
C ARG C 153 9.16 -0.83 -12.40
N LEU C 154 8.11 -0.20 -11.86
CA LEU C 154 7.52 1.04 -12.37
C LEU C 154 8.18 2.26 -11.72
N SER C 155 8.86 2.03 -10.59
CA SER C 155 9.35 3.10 -9.74
C SER C 155 10.24 4.09 -10.51
N SER C 156 11.00 3.58 -11.49
CA SER C 156 11.92 4.38 -12.30
C SER C 156 11.16 5.49 -13.06
N ILE C 157 10.18 5.04 -13.84
CA ILE C 157 9.22 5.85 -14.58
C ILE C 157 8.55 6.87 -13.64
N TRP C 158 7.95 6.36 -12.54
CA TRP C 158 7.15 7.14 -11.60
C TRP C 158 7.95 8.26 -10.94
N ASN C 159 9.26 8.06 -10.82
CA ASN C 159 10.13 9.03 -10.17
C ASN C 159 10.33 10.24 -11.09
N VAL C 160 10.38 10.01 -12.42
CA VAL C 160 10.59 11.06 -13.40
C VAL C 160 9.28 11.44 -14.10
N MET C 161 8.14 11.11 -13.49
CA MET C 161 6.82 11.39 -14.06
C MET C 161 6.59 12.92 -14.17
N PRO C 162 6.56 13.51 -15.38
CA PRO C 162 6.20 14.92 -15.52
C PRO C 162 4.80 15.18 -15.01
N MET C 163 4.67 16.26 -14.22
CA MET C 163 3.44 16.56 -13.51
C MET C 163 2.62 17.63 -14.24
N THR C 164 3.20 18.31 -15.24
CA THR C 164 2.45 19.20 -16.14
C THR C 164 2.55 18.61 -17.56
N ALA C 165 2.18 19.34 -18.62
CA ALA C 165 2.22 18.79 -19.97
C ALA C 165 3.57 19.05 -20.69
N GLY C 166 4.59 18.19 -20.40
CA GLY C 166 5.96 18.24 -20.91
C GLY C 166 6.61 16.85 -20.91
N LYS C 167 7.95 16.76 -21.13
CA LYS C 167 8.64 15.49 -21.40
C LYS C 167 10.00 15.43 -20.71
N VAL C 168 10.45 14.22 -20.37
CA VAL C 168 11.84 13.99 -20.00
C VAL C 168 12.44 12.97 -20.97
N LYS C 169 13.63 13.32 -21.51
CA LYS C 169 14.26 12.64 -22.63
C LYS C 169 15.18 11.48 -22.19
N LEU C 170 15.38 11.34 -20.87
CA LEU C 170 16.03 10.17 -20.24
C LEU C 170 17.25 9.68 -21.00
N ASN C 171 18.42 9.92 -20.38
CA ASN C 171 19.58 9.03 -20.40
C ASN C 171 19.37 7.90 -19.39
N GLN C 172 18.15 7.79 -18.79
CA GLN C 172 17.69 6.64 -18.01
C GLN C 172 17.01 5.62 -18.93
N PRO C 173 17.58 4.39 -18.99
CA PRO C 173 17.05 3.34 -19.84
C PRO C 173 15.77 2.78 -19.23
N PHE C 174 15.15 1.86 -19.95
CA PHE C 174 14.06 1.10 -19.41
C PHE C 174 13.99 -0.21 -20.16
N ASP C 175 13.62 -1.24 -19.39
CA ASP C 175 13.36 -2.55 -19.92
C ASP C 175 11.91 -2.91 -19.66
N ALA C 176 11.10 -2.80 -20.73
CA ALA C 176 9.68 -3.10 -20.62
C ALA C 176 9.47 -4.60 -20.37
N SER C 177 10.49 -5.42 -20.66
CA SER C 177 10.37 -6.86 -20.47
C SER C 177 10.04 -7.18 -19.00
N THR C 178 10.47 -6.30 -18.09
CA THR C 178 10.25 -6.46 -16.65
C THR C 178 8.78 -6.33 -16.31
N LEU C 179 8.02 -5.61 -17.15
CA LEU C 179 6.66 -5.18 -16.89
C LEU C 179 5.63 -6.21 -17.36
N LEU C 180 6.08 -7.20 -18.16
CA LEU C 180 5.25 -8.27 -18.65
C LEU C 180 5.45 -9.52 -17.79
N PRO C 181 4.42 -10.37 -17.60
CA PRO C 181 4.57 -11.62 -16.87
C PRO C 181 5.24 -12.70 -17.72
N LYS C 182 5.90 -13.64 -17.05
CA LYS C 182 6.36 -14.89 -17.65
C LYS C 182 5.20 -15.66 -18.32
N ARG C 183 4.04 -15.70 -17.66
CA ARG C 183 2.80 -16.33 -18.13
C ARG C 183 2.00 -15.34 -18.99
N LEU C 184 1.97 -15.64 -20.29
CA LEU C 184 1.47 -14.73 -21.32
C LEU C 184 0.23 -15.30 -21.98
N LYS C 185 -0.62 -15.97 -21.18
CA LYS C 185 -1.98 -16.29 -21.59
C LYS C 185 -2.80 -14.99 -21.59
N TYR C 186 -3.72 -14.88 -22.55
CA TYR C 186 -4.42 -13.63 -22.78
C TYR C 186 -5.76 -13.84 -23.48
N TYR C 187 -6.57 -12.77 -23.42
CA TYR C 187 -7.82 -12.62 -24.14
C TYR C 187 -7.60 -11.84 -25.45
N ARG C 188 -8.13 -12.39 -26.55
CA ARG C 188 -8.00 -11.82 -27.88
C ARG C 188 -9.34 -11.33 -28.38
N PHE C 189 -9.36 -10.12 -28.97
CA PHE C 189 -10.54 -9.58 -29.62
C PHE C 189 -10.14 -8.30 -30.37
N ALA C 190 -11.05 -7.82 -31.24
CA ALA C 190 -10.83 -6.63 -32.03
C ALA C 190 -11.49 -5.43 -31.36
N GLY C 191 -10.95 -4.23 -31.58
CA GLY C 191 -11.53 -3.09 -30.91
C GLY C 191 -11.21 -1.77 -31.61
N SER C 192 -10.85 -0.78 -30.78
CA SER C 192 -10.54 0.58 -31.20
C SER C 192 -9.53 1.19 -30.24
N LEU C 193 -8.98 2.35 -30.61
CA LEU C 193 -8.30 3.17 -29.63
C LEU C 193 -9.37 3.57 -28.64
N THR C 194 -8.98 3.74 -27.36
CA THR C 194 -9.93 4.10 -26.30
C THR C 194 -9.99 5.62 -26.11
N THR C 195 -9.28 6.35 -27.00
CA THR C 195 -9.15 7.81 -26.99
C THR C 195 -9.44 8.36 -28.39
N PRO C 196 -10.06 9.56 -28.55
CA PRO C 196 -10.34 10.12 -29.86
C PRO C 196 -9.09 10.10 -30.74
N PRO C 197 -9.20 9.65 -32.02
CA PRO C 197 -10.50 9.43 -32.67
C PRO C 197 -11.19 8.07 -32.56
N CYS C 198 -10.83 7.26 -31.55
CA CYS C 198 -11.44 5.95 -31.38
C CYS C 198 -11.38 5.09 -32.66
N THR C 199 -10.23 5.13 -33.37
CA THR C 199 -10.04 4.35 -34.59
C THR C 199 -10.22 2.86 -34.32
N GLU C 200 -10.98 2.18 -35.19
CA GLU C 200 -11.18 0.74 -35.05
C GLU C 200 -10.06 -0.02 -35.78
N GLY C 201 -10.24 -1.34 -35.91
CA GLY C 201 -9.27 -2.19 -36.57
C GLY C 201 -8.02 -2.45 -35.73
N VAL C 202 -8.18 -2.36 -34.40
CA VAL C 202 -7.09 -2.56 -33.45
C VAL C 202 -7.21 -3.95 -32.80
N SER C 203 -6.07 -4.64 -32.71
CA SER C 203 -6.04 -5.97 -32.13
C SER C 203 -5.73 -5.82 -30.66
N TRP C 204 -6.56 -6.44 -29.81
CA TRP C 204 -6.48 -6.24 -28.38
C TRP C 204 -6.09 -7.55 -27.72
N LEU C 205 -4.98 -7.52 -26.96
CA LEU C 205 -4.53 -8.69 -26.24
C LEU C 205 -4.45 -8.37 -24.75
N VAL C 206 -5.41 -8.91 -23.98
CA VAL C 206 -5.48 -8.64 -22.55
C VAL C 206 -4.95 -9.83 -21.77
N LEU C 207 -3.81 -9.62 -21.08
CA LEU C 207 -3.10 -10.68 -20.38
C LEU C 207 -3.89 -11.13 -19.17
N LYS C 208 -3.92 -12.43 -18.93
CA LYS C 208 -4.76 -12.99 -17.89
C LYS C 208 -4.13 -12.82 -16.50
N THR C 209 -2.80 -12.80 -16.48
CA THR C 209 -2.01 -12.67 -15.28
C THR C 209 -1.86 -11.17 -14.95
N TYR C 210 -2.18 -10.82 -13.70
CA TYR C 210 -2.17 -9.44 -13.23
C TYR C 210 -0.85 -9.08 -12.55
N ASP C 211 -0.42 -7.83 -12.69
CA ASP C 211 0.62 -7.24 -11.83
C ASP C 211 -0.07 -6.44 -10.72
N HIS C 212 0.68 -5.51 -10.08
CA HIS C 212 0.21 -4.86 -8.86
C HIS C 212 0.77 -3.45 -8.71
N ILE C 213 -0.04 -2.50 -8.20
CA ILE C 213 0.39 -1.19 -7.72
C ILE C 213 -0.28 -0.93 -6.37
N ASP C 214 0.27 0.02 -5.62
CA ASP C 214 -0.29 0.49 -4.37
C ASP C 214 -1.17 1.73 -4.64
N GLN C 215 -1.66 2.36 -3.56
CA GLN C 215 -2.56 3.50 -3.66
C GLN C 215 -1.77 4.74 -4.11
N ALA C 216 -0.66 5.02 -3.44
CA ALA C 216 0.21 6.14 -3.81
C ALA C 216 0.53 6.16 -5.30
N GLN C 217 1.00 5.02 -5.85
CA GLN C 217 1.46 5.00 -7.23
C GLN C 217 0.29 5.39 -8.14
N ALA C 218 -0.90 4.84 -7.84
CA ALA C 218 -2.11 5.16 -8.59
C ALA C 218 -2.50 6.63 -8.40
N GLU C 219 -2.45 7.12 -7.16
CA GLU C 219 -2.90 8.46 -6.82
C GLU C 219 -1.90 9.48 -7.37
N LYS C 220 -0.63 9.10 -7.46
CA LYS C 220 0.35 10.03 -8.00
C LYS C 220 0.07 10.25 -9.48
N PHE C 221 -0.15 9.13 -10.20
CA PHE C 221 -0.50 9.17 -11.60
C PHE C 221 -1.62 10.17 -11.84
N THR C 222 -2.74 9.98 -11.12
CA THR C 222 -3.95 10.79 -11.27
C THR C 222 -3.63 12.26 -11.05
N ARG C 223 -2.88 12.56 -9.98
CA ARG C 223 -2.43 13.91 -9.67
C ARG C 223 -1.83 14.53 -10.93
N ALA C 224 -0.96 13.76 -11.60
CA ALA C 224 -0.04 14.27 -12.61
C ALA C 224 -0.79 14.60 -13.89
N VAL C 225 -1.82 13.80 -14.20
CA VAL C 225 -2.46 13.76 -15.51
C VAL C 225 -3.59 14.79 -15.61
N GLY C 226 -4.39 14.89 -14.53
CA GLY C 226 -5.52 15.82 -14.48
C GLY C 226 -6.75 15.17 -13.86
N SER C 227 -6.90 13.86 -14.07
CA SER C 227 -8.17 13.19 -13.85
C SER C 227 -7.99 11.68 -14.05
N GLU C 228 -9.05 10.94 -13.69
CA GLU C 228 -9.20 9.53 -14.03
C GLU C 228 -9.46 9.43 -15.52
N ASN C 229 -8.53 8.76 -16.21
CA ASN C 229 -8.49 8.75 -17.66
C ASN C 229 -9.06 7.42 -18.18
N ASN C 230 -10.15 6.95 -17.57
CA ASN C 230 -10.77 5.68 -17.94
C ASN C 230 -11.98 5.95 -18.86
N ARG C 231 -11.95 5.43 -20.09
CA ARG C 231 -13.08 5.51 -20.98
C ARG C 231 -14.09 4.44 -20.55
N PRO C 232 -15.41 4.74 -20.42
CA PRO C 232 -16.43 3.72 -20.11
C PRO C 232 -16.39 2.52 -21.06
N VAL C 233 -16.84 1.35 -20.58
CA VAL C 233 -16.89 0.14 -21.40
C VAL C 233 -17.85 0.35 -22.58
N GLN C 234 -17.60 -0.46 -23.61
CA GLN C 234 -18.27 -0.34 -24.88
C GLN C 234 -18.89 -1.70 -25.18
N PRO C 235 -20.12 -1.76 -25.72
CA PRO C 235 -20.76 -3.02 -26.04
C PRO C 235 -19.95 -3.80 -27.08
N LEU C 236 -19.80 -5.10 -26.85
CA LEU C 236 -19.10 -5.97 -27.77
C LEU C 236 -19.85 -6.07 -29.10
N ASN C 237 -21.16 -6.31 -29.02
CA ASN C 237 -22.02 -6.41 -30.20
C ASN C 237 -21.73 -7.73 -30.91
N ALA C 238 -21.11 -7.69 -32.10
CA ALA C 238 -20.97 -8.91 -32.91
C ALA C 238 -19.70 -9.66 -32.57
N ARG C 239 -18.85 -9.01 -31.76
CA ARG C 239 -17.52 -9.52 -31.41
C ARG C 239 -17.64 -10.66 -30.40
N VAL C 240 -16.61 -11.52 -30.44
CA VAL C 240 -16.43 -12.70 -29.60
C VAL C 240 -15.03 -12.59 -28.99
N VAL C 241 -14.95 -12.59 -27.67
CA VAL C 241 -13.65 -12.66 -27.01
C VAL C 241 -13.22 -14.13 -26.89
N ILE C 242 -12.02 -14.40 -27.41
CA ILE C 242 -11.42 -15.73 -27.41
C ILE C 242 -10.47 -15.75 -26.22
N GLU C 243 -10.47 -16.90 -25.51
CA GLU C 243 -9.70 -17.08 -24.30
C GLU C 243 -8.96 -18.44 -24.37
N THR D 22 -30.93 7.47 -51.40
CA THR D 22 -30.11 7.62 -52.65
C THR D 22 -29.90 6.24 -53.28
N HIS D 23 -29.91 6.21 -54.62
CA HIS D 23 -29.88 4.97 -55.39
C HIS D 23 -28.47 4.37 -55.36
N TRP D 24 -28.39 3.04 -55.22
CA TRP D 24 -27.13 2.30 -55.19
C TRP D 24 -27.32 0.97 -55.90
N GLY D 25 -26.24 0.41 -56.46
CA GLY D 25 -26.29 -0.87 -57.14
C GLY D 25 -24.91 -1.51 -57.25
N TYR D 26 -24.72 -2.39 -58.24
CA TYR D 26 -23.51 -3.21 -58.32
C TYR D 26 -22.66 -2.86 -59.53
N THR D 27 -23.10 -1.89 -60.34
CA THR D 27 -22.51 -1.63 -61.65
C THR D 27 -22.55 -0.14 -61.95
N GLY D 28 -21.79 0.29 -62.98
CA GLY D 28 -21.74 1.68 -63.39
C GLY D 28 -21.03 2.54 -62.33
N HIS D 29 -21.53 3.76 -62.12
CA HIS D 29 -20.99 4.67 -61.11
C HIS D 29 -21.69 4.47 -59.76
N ASP D 30 -22.68 3.57 -59.74
CA ASP D 30 -23.37 3.14 -58.53
C ASP D 30 -22.60 2.10 -57.72
N SER D 31 -21.51 1.52 -58.28
CA SER D 31 -21.02 0.20 -57.86
C SER D 31 -20.40 0.26 -56.46
N PRO D 32 -20.02 -0.89 -55.85
CA PRO D 32 -19.55 -0.94 -54.45
C PRO D 32 -18.43 0.00 -54.01
N GLU D 33 -17.46 0.26 -54.92
CA GLU D 33 -16.30 1.10 -54.62
C GLU D 33 -16.74 2.53 -54.36
N SER D 34 -17.90 2.91 -54.91
CA SER D 34 -18.37 4.28 -54.90
C SER D 34 -19.44 4.50 -53.83
N TRP D 35 -19.96 3.42 -53.21
CA TRP D 35 -21.07 3.51 -52.25
C TRP D 35 -20.81 4.54 -51.15
N GLY D 36 -19.58 4.54 -50.61
CA GLY D 36 -19.10 5.50 -49.63
C GLY D 36 -19.36 6.94 -50.05
N ASN D 37 -19.22 7.23 -51.36
CA ASN D 37 -19.29 8.60 -51.86
C ASN D 37 -20.69 8.96 -52.38
N LEU D 38 -21.73 8.18 -52.05
CA LEU D 38 -23.06 8.37 -52.62
C LEU D 38 -23.96 9.08 -51.62
N SER D 39 -23.67 8.93 -50.32
CA SER D 39 -24.17 9.83 -49.29
C SER D 39 -23.24 9.82 -48.09
N GLU D 40 -23.59 10.59 -47.05
CA GLU D 40 -22.88 10.54 -45.79
C GLU D 40 -23.50 9.46 -44.90
N GLU D 41 -24.65 8.87 -45.29
CA GLU D 41 -25.17 7.75 -44.52
C GLU D 41 -24.61 6.42 -45.06
N PHE D 42 -23.83 6.47 -46.17
CA PHE D 42 -23.20 5.27 -46.73
C PHE D 42 -21.69 5.32 -46.51
N ARG D 43 -21.24 6.25 -45.67
CA ARG D 43 -19.82 6.52 -45.52
C ARG D 43 -19.07 5.31 -44.93
N LEU D 44 -19.76 4.52 -44.08
CA LEU D 44 -19.15 3.38 -43.42
C LEU D 44 -18.75 2.30 -44.42
N CYS D 45 -19.29 2.36 -45.65
CA CYS D 45 -18.91 1.38 -46.67
C CYS D 45 -17.44 1.57 -47.05
N SER D 46 -16.90 2.77 -46.81
CA SER D 46 -15.54 3.10 -47.18
C SER D 46 -14.61 3.13 -45.96
N THR D 47 -15.09 3.64 -44.81
CA THR D 47 -14.25 3.91 -43.65
C THR D 47 -14.32 2.80 -42.59
N GLY D 48 -15.37 1.98 -42.64
CA GLY D 48 -15.44 0.78 -41.81
C GLY D 48 -14.21 -0.11 -41.95
N LYS D 49 -13.81 -0.72 -40.82
CA LYS D 49 -12.66 -1.61 -40.69
C LYS D 49 -13.10 -3.06 -40.43
N ASN D 50 -14.41 -3.29 -40.34
CA ASN D 50 -14.98 -4.57 -39.96
C ASN D 50 -16.08 -4.90 -40.97
N GLN D 51 -15.74 -4.75 -42.26
CA GLN D 51 -16.69 -4.88 -43.35
C GLN D 51 -16.77 -6.34 -43.82
N SER D 52 -18.01 -6.73 -44.15
CA SER D 52 -18.32 -7.97 -44.82
C SER D 52 -18.61 -7.65 -46.29
N PRO D 53 -18.32 -8.56 -47.28
CA PRO D 53 -17.81 -9.90 -47.02
C PRO D 53 -16.28 -10.01 -46.91
N VAL D 54 -15.81 -11.23 -46.64
CA VAL D 54 -14.41 -11.51 -46.41
C VAL D 54 -14.01 -12.80 -47.14
N ASN D 55 -12.69 -12.95 -47.37
CA ASN D 55 -12.08 -14.18 -47.81
C ASN D 55 -11.52 -14.93 -46.59
N ILE D 56 -11.89 -16.22 -46.43
CA ILE D 56 -11.62 -16.91 -45.18
C ILE D 56 -10.38 -17.78 -45.38
N THR D 57 -9.24 -17.16 -45.13
CA THR D 57 -7.99 -17.90 -45.16
C THR D 57 -7.72 -18.44 -43.76
N GLU D 58 -6.81 -17.81 -43.02
CA GLU D 58 -6.35 -18.40 -41.77
C GLU D 58 -7.36 -18.10 -40.68
N THR D 59 -7.34 -18.94 -39.64
CA THR D 59 -8.39 -18.95 -38.64
C THR D 59 -7.77 -19.31 -37.30
N VAL D 60 -8.58 -19.20 -36.24
CA VAL D 60 -8.26 -19.78 -34.94
C VAL D 60 -9.31 -20.84 -34.66
N SER D 61 -8.88 -21.92 -34.01
CA SER D 61 -9.74 -23.04 -33.71
C SER D 61 -10.45 -22.78 -32.39
N GLY D 62 -11.76 -23.06 -32.34
CA GLY D 62 -12.58 -22.60 -31.24
C GLY D 62 -13.61 -23.64 -30.84
N LYS D 63 -13.93 -23.68 -29.54
CA LYS D 63 -15.06 -24.46 -29.05
C LYS D 63 -16.30 -23.58 -29.11
N LEU D 64 -16.89 -23.56 -30.32
CA LEU D 64 -17.97 -22.66 -30.68
C LEU D 64 -19.30 -23.27 -30.21
N PRO D 65 -20.32 -22.42 -29.92
CA PRO D 65 -21.66 -22.88 -29.56
C PRO D 65 -22.44 -23.41 -30.75
N ALA D 66 -22.97 -24.64 -30.59
CA ALA D 66 -23.80 -25.29 -31.58
C ALA D 66 -25.09 -24.49 -31.79
N ILE D 67 -25.49 -24.41 -33.08
CA ILE D 67 -26.70 -23.75 -33.53
C ILE D 67 -27.88 -24.69 -33.39
N LYS D 68 -28.88 -24.26 -32.64
CA LYS D 68 -30.15 -24.95 -32.55
C LYS D 68 -31.15 -24.27 -33.50
N VAL D 69 -31.67 -25.04 -34.48
CA VAL D 69 -32.60 -24.55 -35.49
C VAL D 69 -34.05 -24.83 -35.07
N ASN D 70 -34.91 -23.81 -35.15
CA ASN D 70 -36.35 -24.00 -35.02
C ASN D 70 -36.96 -23.25 -36.20
N TYR D 71 -36.72 -23.78 -37.41
CA TYR D 71 -37.39 -23.35 -38.65
C TYR D 71 -38.56 -24.28 -38.95
N LYS D 72 -39.61 -23.72 -39.57
CA LYS D 72 -40.81 -24.49 -39.83
C LYS D 72 -41.60 -23.86 -40.99
N PRO D 73 -42.65 -24.54 -41.53
CA PRO D 73 -43.42 -24.02 -42.66
C PRO D 73 -43.98 -22.67 -42.27
N SER D 74 -43.95 -21.76 -43.23
CA SER D 74 -44.19 -20.36 -42.94
C SER D 74 -44.79 -19.69 -44.18
N MET D 75 -45.67 -18.73 -43.92
CA MET D 75 -46.16 -17.87 -44.98
C MET D 75 -45.09 -16.83 -45.28
N VAL D 76 -44.60 -16.88 -46.53
CA VAL D 76 -43.49 -16.05 -46.98
C VAL D 76 -43.94 -15.18 -48.15
N ASP D 77 -43.28 -14.04 -48.29
CA ASP D 77 -43.46 -13.14 -49.42
C ASP D 77 -42.12 -13.07 -50.13
N VAL D 78 -42.12 -13.33 -51.43
CA VAL D 78 -40.90 -13.34 -52.22
C VAL D 78 -40.87 -12.03 -53.02
N GLU D 79 -39.69 -11.41 -53.13
CA GLU D 79 -39.60 -10.01 -53.53
C GLU D 79 -38.38 -9.80 -54.42
N ASN D 80 -38.64 -9.37 -55.67
CA ASN D 80 -37.60 -8.87 -56.57
C ASN D 80 -37.54 -7.36 -56.36
N ASN D 81 -36.36 -6.84 -55.97
CA ASN D 81 -36.18 -5.41 -55.70
C ASN D 81 -34.94 -4.86 -56.40
N GLY D 82 -34.50 -5.46 -57.50
CA GLY D 82 -33.30 -4.99 -58.18
C GLY D 82 -32.02 -5.60 -57.61
N HIS D 83 -31.82 -5.50 -56.30
CA HIS D 83 -30.54 -5.83 -55.67
C HIS D 83 -30.39 -7.34 -55.46
N THR D 84 -31.50 -8.02 -55.12
CA THR D 84 -31.51 -9.43 -54.79
C THR D 84 -32.93 -9.98 -54.88
N ILE D 85 -33.06 -11.31 -54.88
CA ILE D 85 -34.33 -11.99 -54.67
C ILE D 85 -34.35 -12.50 -53.23
N GLN D 86 -35.47 -12.20 -52.54
CA GLN D 86 -35.54 -12.21 -51.09
C GLN D 86 -36.85 -12.86 -50.63
N VAL D 87 -36.74 -13.70 -49.60
CA VAL D 87 -37.88 -14.41 -49.04
C VAL D 87 -38.12 -13.85 -47.66
N ASN D 88 -39.22 -13.10 -47.50
CA ASN D 88 -39.44 -12.34 -46.28
C ASN D 88 -40.39 -13.07 -45.34
N TYR D 89 -40.08 -13.02 -44.04
CA TYR D 89 -40.93 -13.63 -43.04
C TYR D 89 -41.57 -12.53 -42.21
N PRO D 90 -42.82 -12.13 -42.53
CA PRO D 90 -43.51 -11.08 -41.76
C PRO D 90 -43.94 -11.52 -40.36
N GLU D 91 -44.11 -12.85 -40.20
CA GLU D 91 -44.39 -13.47 -38.91
C GLU D 91 -43.12 -14.12 -38.38
N GLY D 92 -42.76 -13.84 -37.12
CA GLY D 92 -41.69 -14.50 -36.37
C GLY D 92 -41.98 -15.99 -36.19
N GLY D 93 -41.12 -16.71 -35.44
CA GLY D 93 -41.32 -18.12 -35.14
C GLY D 93 -40.38 -19.08 -35.90
N ASN D 94 -39.48 -18.55 -36.75
CA ASN D 94 -38.31 -19.26 -37.22
C ASN D 94 -37.06 -18.66 -36.56
N THR D 95 -36.35 -19.48 -35.77
CA THR D 95 -35.38 -18.97 -34.81
C THR D 95 -34.05 -19.71 -34.94
N LEU D 96 -32.97 -18.99 -34.64
CA LEU D 96 -31.70 -19.62 -34.27
C LEU D 96 -31.46 -19.37 -32.78
N THR D 97 -30.99 -20.41 -32.08
CA THR D 97 -30.52 -20.20 -30.72
C THR D 97 -29.03 -20.56 -30.69
N VAL D 98 -28.17 -19.58 -30.36
CA VAL D 98 -26.77 -19.90 -30.08
C VAL D 98 -26.35 -19.17 -28.82
N ASN D 99 -25.54 -19.85 -28.00
CA ASN D 99 -25.03 -19.32 -26.73
C ASN D 99 -26.18 -18.79 -25.84
N GLY D 100 -27.35 -19.44 -25.94
CA GLY D 100 -28.50 -19.07 -25.12
C GLY D 100 -29.28 -17.87 -25.65
N ARG D 101 -28.80 -17.20 -26.72
CA ARG D 101 -29.56 -16.11 -27.33
C ARG D 101 -30.42 -16.66 -28.48
N THR D 102 -31.62 -16.06 -28.64
CA THR D 102 -32.57 -16.44 -29.66
C THR D 102 -32.65 -15.36 -30.73
N TYR D 103 -32.60 -15.80 -31.99
CA TYR D 103 -32.47 -14.92 -33.14
C TYR D 103 -33.58 -15.28 -34.13
N THR D 104 -34.39 -14.28 -34.53
CA THR D 104 -35.60 -14.51 -35.28
C THR D 104 -35.37 -14.20 -36.75
N LEU D 105 -35.44 -15.23 -37.60
CA LEU D 105 -35.21 -15.08 -39.03
C LEU D 105 -36.21 -14.06 -39.60
N LYS D 106 -35.73 -12.92 -40.11
CA LYS D 106 -36.61 -11.87 -40.60
C LYS D 106 -36.82 -12.03 -42.12
N GLN D 107 -35.78 -12.58 -42.77
CA GLN D 107 -35.74 -12.75 -44.22
C GLN D 107 -34.53 -13.61 -44.59
N PHE D 108 -34.64 -14.36 -45.70
CA PHE D 108 -33.42 -14.82 -46.37
C PHE D 108 -33.45 -14.41 -47.83
N HIS D 109 -32.23 -14.30 -48.41
CA HIS D 109 -31.98 -13.71 -49.72
C HIS D 109 -30.69 -14.28 -50.27
N PHE D 110 -30.43 -14.00 -51.56
CA PHE D 110 -29.37 -14.66 -52.31
C PHE D 110 -28.44 -13.65 -52.96
N HIS D 111 -27.19 -14.11 -53.20
CA HIS D 111 -26.17 -13.41 -53.98
C HIS D 111 -25.57 -14.38 -55.00
N VAL D 112 -25.48 -13.92 -56.26
CA VAL D 112 -24.86 -14.66 -57.36
C VAL D 112 -23.80 -13.81 -58.07
N PRO D 113 -22.49 -14.17 -58.04
CA PRO D 113 -21.94 -15.28 -57.23
C PRO D 113 -21.78 -14.98 -55.74
N SER D 114 -21.12 -15.89 -55.02
CA SER D 114 -20.93 -15.76 -53.57
C SER D 114 -20.26 -14.43 -53.25
N GLU D 115 -20.58 -13.89 -52.05
CA GLU D 115 -19.99 -12.66 -51.56
C GLU D 115 -18.70 -12.98 -50.79
N ASN D 116 -18.81 -13.86 -49.78
CA ASN D 116 -17.66 -14.39 -49.06
C ASN D 116 -17.00 -15.48 -49.93
N GLN D 117 -15.81 -15.90 -49.47
CA GLN D 117 -14.95 -16.83 -50.17
C GLN D 117 -14.21 -17.68 -49.13
N ILE D 118 -13.75 -18.87 -49.58
CA ILE D 118 -12.89 -19.71 -48.78
C ILE D 118 -11.61 -19.88 -49.58
N LYS D 119 -10.48 -19.41 -48.99
CA LYS D 119 -9.16 -19.51 -49.63
C LYS D 119 -9.24 -19.08 -51.08
N GLY D 120 -9.85 -17.91 -51.32
CA GLY D 120 -9.86 -17.30 -52.62
C GLY D 120 -10.98 -17.79 -53.55
N ARG D 121 -11.72 -18.83 -53.13
CA ARG D 121 -12.74 -19.47 -53.97
C ARG D 121 -14.03 -18.66 -53.93
N THR D 122 -14.54 -18.30 -55.13
CA THR D 122 -15.87 -17.72 -55.29
C THR D 122 -16.86 -18.82 -55.70
N PHE D 123 -17.94 -18.96 -54.92
CA PHE D 123 -18.92 -20.02 -55.16
C PHE D 123 -20.01 -19.48 -56.08
N PRO D 124 -20.70 -20.35 -56.86
CA PRO D 124 -21.75 -19.88 -57.78
C PRO D 124 -22.90 -19.16 -57.07
N MET D 125 -23.13 -19.47 -55.79
CA MET D 125 -24.17 -18.75 -55.06
C MET D 125 -23.93 -18.82 -53.56
N GLU D 126 -24.45 -17.79 -52.89
CA GLU D 126 -24.45 -17.70 -51.44
C GLU D 126 -25.82 -17.21 -50.95
N ALA D 127 -26.27 -17.73 -49.80
CA ALA D 127 -27.52 -17.29 -49.20
C ALA D 127 -27.24 -16.68 -47.83
N HIS D 128 -28.11 -15.72 -47.46
CA HIS D 128 -28.00 -14.96 -46.23
C HIS D 128 -29.33 -14.96 -45.51
N PHE D 129 -29.36 -15.67 -44.38
CA PHE D 129 -30.51 -15.72 -43.49
C PHE D 129 -30.32 -14.70 -42.38
N VAL D 130 -31.23 -13.72 -42.32
CA VAL D 130 -31.00 -12.54 -41.52
C VAL D 130 -31.91 -12.54 -40.30
N HIS D 131 -31.31 -12.64 -39.09
CA HIS D 131 -32.06 -12.70 -37.85
C HIS D 131 -31.81 -11.49 -36.96
N LEU D 132 -32.70 -11.33 -35.98
CA LEU D 132 -32.61 -10.29 -34.98
C LEU D 132 -32.88 -10.93 -33.63
N ASP D 133 -32.07 -10.61 -32.63
CA ASP D 133 -32.41 -11.02 -31.29
C ASP D 133 -33.44 -10.01 -30.76
N GLU D 134 -33.81 -10.20 -29.50
CA GLU D 134 -34.83 -9.40 -28.85
C GLU D 134 -34.36 -7.95 -28.80
N ASN D 135 -33.03 -7.75 -28.68
CA ASN D 135 -32.41 -6.42 -28.54
C ASN D 135 -32.00 -5.82 -29.88
N LYS D 136 -32.24 -6.52 -30.98
CA LYS D 136 -32.09 -6.01 -32.34
C LYS D 136 -30.66 -6.20 -32.83
N GLN D 137 -29.92 -7.13 -32.21
CA GLN D 137 -28.64 -7.58 -32.74
C GLN D 137 -28.86 -8.42 -34.00
N PRO D 138 -28.24 -8.03 -35.12
CA PRO D 138 -28.37 -8.75 -36.39
C PRO D 138 -27.33 -9.86 -36.50
N LEU D 139 -27.78 -11.03 -37.01
CA LEU D 139 -26.94 -12.20 -37.16
C LEU D 139 -27.27 -12.85 -38.51
N VAL D 140 -26.26 -12.91 -39.40
CA VAL D 140 -26.41 -13.54 -40.70
C VAL D 140 -25.77 -14.93 -40.66
N LEU D 141 -26.61 -15.94 -40.94
CA LEU D 141 -26.14 -17.29 -41.22
C LEU D 141 -26.10 -17.47 -42.73
N ALA D 142 -24.97 -17.92 -43.25
CA ALA D 142 -24.78 -17.98 -44.68
C ALA D 142 -24.58 -19.43 -45.13
N VAL D 143 -24.93 -19.68 -46.40
CA VAL D 143 -24.79 -20.98 -47.02
C VAL D 143 -24.07 -20.76 -48.34
N LEU D 144 -23.04 -21.60 -48.57
CA LEU D 144 -22.32 -21.55 -49.82
C LEU D 144 -22.76 -22.73 -50.67
N TYR D 145 -23.01 -22.41 -51.95
CA TYR D 145 -23.60 -23.33 -52.88
C TYR D 145 -22.57 -23.67 -53.94
N GLU D 146 -22.10 -24.92 -53.91
CA GLU D 146 -21.28 -25.52 -54.94
C GLU D 146 -22.01 -25.52 -56.28
N ALA D 147 -21.22 -25.52 -57.36
CA ALA D 147 -21.71 -26.00 -58.64
C ALA D 147 -22.03 -27.48 -58.46
N GLY D 148 -23.26 -27.87 -58.82
CA GLY D 148 -23.72 -29.24 -58.68
C GLY D 148 -25.01 -29.47 -59.45
N LYS D 149 -25.92 -30.23 -58.85
CA LYS D 149 -27.18 -30.55 -59.49
C LYS D 149 -28.21 -29.47 -59.12
N THR D 150 -29.39 -29.54 -59.75
CA THR D 150 -30.57 -28.75 -59.37
C THR D 150 -30.77 -28.83 -57.87
N ASN D 151 -30.96 -27.66 -57.25
CA ASN D 151 -31.33 -27.66 -55.86
C ASN D 151 -32.83 -27.83 -55.84
N GLY D 152 -33.24 -29.06 -55.52
CA GLY D 152 -34.65 -29.44 -55.45
C GLY D 152 -35.41 -28.62 -54.41
N ARG D 153 -34.78 -28.31 -53.27
CA ARG D 153 -35.50 -27.69 -52.16
C ARG D 153 -35.79 -26.21 -52.43
N LEU D 154 -35.23 -25.66 -53.53
CA LEU D 154 -35.44 -24.26 -53.88
C LEU D 154 -36.55 -24.09 -54.92
N SER D 155 -37.03 -25.20 -55.49
CA SER D 155 -37.98 -25.20 -56.60
C SER D 155 -39.15 -24.24 -56.34
N SER D 156 -39.71 -24.32 -55.12
CA SER D 156 -40.80 -23.49 -54.66
C SER D 156 -40.54 -21.99 -54.93
N ILE D 157 -39.32 -21.53 -54.62
CA ILE D 157 -38.94 -20.12 -54.63
C ILE D 157 -38.48 -19.69 -56.01
N TRP D 158 -37.96 -20.62 -56.80
CA TRP D 158 -37.53 -20.29 -58.14
C TRP D 158 -38.75 -20.14 -59.06
N ASN D 159 -39.86 -20.86 -58.80
CA ASN D 159 -41.06 -20.70 -59.62
C ASN D 159 -41.63 -19.30 -59.45
N VAL D 160 -41.97 -18.98 -58.20
CA VAL D 160 -42.65 -17.73 -57.91
C VAL D 160 -41.67 -16.58 -58.05
N MET D 161 -40.39 -16.88 -58.29
CA MET D 161 -39.39 -15.83 -58.40
C MET D 161 -39.88 -14.81 -59.43
N PRO D 162 -40.25 -13.58 -59.00
CA PRO D 162 -40.60 -12.52 -59.94
C PRO D 162 -39.38 -12.12 -60.75
N MET D 163 -39.60 -11.92 -62.05
CA MET D 163 -38.53 -11.58 -62.97
C MET D 163 -38.49 -10.06 -63.17
N THR D 164 -39.50 -9.37 -62.63
CA THR D 164 -39.52 -7.91 -62.57
C THR D 164 -39.87 -7.45 -61.15
N ALA D 165 -39.52 -6.19 -60.83
CA ALA D 165 -39.62 -5.65 -59.49
C ALA D 165 -41.06 -5.74 -58.99
N GLY D 166 -41.24 -6.13 -57.73
CA GLY D 166 -42.55 -6.47 -57.15
C GLY D 166 -42.44 -7.72 -56.28
N LYS D 167 -43.47 -8.00 -55.45
CA LYS D 167 -43.49 -9.16 -54.56
C LYS D 167 -44.79 -9.96 -54.71
N VAL D 168 -44.74 -11.30 -54.57
CA VAL D 168 -45.93 -12.13 -54.43
C VAL D 168 -45.91 -12.85 -53.07
N LYS D 169 -47.10 -13.10 -52.50
CA LYS D 169 -47.23 -13.92 -51.29
C LYS D 169 -47.44 -15.36 -51.71
N LEU D 170 -46.72 -16.28 -51.07
CA LEU D 170 -46.66 -17.64 -51.58
C LEU D 170 -47.70 -18.56 -50.92
N ASN D 171 -48.70 -18.93 -51.75
CA ASN D 171 -49.50 -20.15 -51.71
C ASN D 171 -48.98 -21.13 -50.69
N GLN D 172 -47.77 -21.68 -50.95
CA GLN D 172 -47.20 -22.83 -50.25
C GLN D 172 -46.40 -22.39 -49.00
N PRO D 173 -46.72 -22.90 -47.79
CA PRO D 173 -45.88 -22.68 -46.61
C PRO D 173 -44.47 -23.21 -46.87
N PHE D 174 -43.47 -22.39 -46.53
CA PHE D 174 -42.09 -22.73 -46.81
C PHE D 174 -41.31 -23.03 -45.54
N ASP D 175 -40.58 -24.16 -45.55
CA ASP D 175 -39.79 -24.61 -44.42
C ASP D 175 -38.30 -24.46 -44.76
N ALA D 176 -37.67 -23.37 -44.34
CA ALA D 176 -36.29 -23.11 -44.70
C ALA D 176 -35.40 -24.15 -44.03
N SER D 177 -35.93 -24.74 -42.96
CA SER D 177 -35.38 -25.92 -42.31
C SER D 177 -34.49 -26.73 -43.25
N THR D 178 -35.07 -27.01 -44.44
CA THR D 178 -34.54 -27.86 -45.51
C THR D 178 -33.32 -27.23 -46.19
N LEU D 179 -33.13 -25.92 -46.04
CA LEU D 179 -32.09 -25.22 -46.79
C LEU D 179 -30.76 -25.26 -46.04
N LEU D 180 -30.82 -25.74 -44.79
CA LEU D 180 -29.65 -25.83 -43.93
C LEU D 180 -29.19 -27.28 -43.82
N PRO D 181 -27.86 -27.52 -43.69
CA PRO D 181 -27.34 -28.85 -43.40
C PRO D 181 -27.68 -29.45 -42.03
N LYS D 182 -27.60 -30.78 -41.96
CA LYS D 182 -27.72 -31.51 -40.71
C LYS D 182 -26.46 -31.19 -39.89
N ARG D 183 -25.31 -31.03 -40.58
CA ARG D 183 -24.03 -30.70 -39.96
C ARG D 183 -23.82 -29.18 -39.96
N LEU D 184 -23.98 -28.55 -38.77
CA LEU D 184 -24.08 -27.09 -38.67
C LEU D 184 -22.77 -26.47 -38.20
N LYS D 185 -21.63 -27.03 -38.64
CA LYS D 185 -20.31 -26.48 -38.31
C LYS D 185 -20.07 -25.18 -39.12
N TYR D 186 -19.60 -24.14 -38.44
CA TYR D 186 -19.54 -22.81 -39.01
C TYR D 186 -18.27 -22.06 -38.64
N TYR D 187 -18.00 -20.99 -39.39
CA TYR D 187 -16.95 -20.03 -39.12
C TYR D 187 -17.54 -18.75 -38.52
N ARG D 188 -17.02 -18.31 -37.37
CA ARG D 188 -17.59 -17.19 -36.64
C ARG D 188 -16.68 -15.97 -36.75
N PHE D 189 -17.27 -14.82 -37.06
CA PHE D 189 -16.59 -13.52 -36.99
C PHE D 189 -17.60 -12.38 -36.85
N ALA D 190 -17.08 -11.18 -36.58
CA ALA D 190 -17.91 -9.98 -36.64
C ALA D 190 -17.72 -9.34 -38.01
N GLY D 191 -18.81 -8.78 -38.56
CA GLY D 191 -18.69 -7.87 -39.68
C GLY D 191 -19.83 -6.85 -39.73
N SER D 192 -20.44 -6.79 -40.92
CA SER D 192 -21.28 -5.70 -41.38
C SER D 192 -22.39 -6.27 -42.25
N LEU D 193 -23.30 -5.40 -42.72
CA LEU D 193 -24.10 -5.66 -43.92
C LEU D 193 -23.18 -5.57 -45.13
N THR D 194 -23.53 -6.29 -46.20
CA THR D 194 -22.81 -6.27 -47.47
C THR D 194 -23.43 -5.27 -48.46
N THR D 195 -24.40 -4.47 -47.97
CA THR D 195 -25.13 -3.51 -48.78
C THR D 195 -25.23 -2.20 -48.00
N PRO D 196 -25.34 -1.02 -48.65
CA PRO D 196 -25.53 0.25 -47.92
C PRO D 196 -26.64 0.18 -46.89
N PRO D 197 -26.50 0.83 -45.69
CA PRO D 197 -25.38 1.72 -45.38
C PRO D 197 -24.10 1.08 -44.79
N CYS D 198 -24.05 -0.26 -44.83
CA CYS D 198 -22.87 -1.10 -44.55
C CYS D 198 -22.63 -1.18 -43.05
N THR D 199 -23.74 -1.01 -42.29
CA THR D 199 -23.82 -1.08 -40.84
C THR D 199 -23.00 -2.24 -40.27
N GLU D 200 -22.08 -1.95 -39.34
CA GLU D 200 -21.35 -3.01 -38.64
C GLU D 200 -22.16 -3.44 -37.42
N GLY D 201 -21.57 -4.25 -36.54
CA GLY D 201 -22.28 -4.81 -35.39
C GLY D 201 -23.06 -6.08 -35.72
N VAL D 202 -22.71 -6.73 -36.85
CA VAL D 202 -23.45 -7.83 -37.46
C VAL D 202 -22.63 -9.12 -37.27
N SER D 203 -23.24 -10.14 -36.68
CA SER D 203 -22.46 -11.32 -36.39
C SER D 203 -22.69 -12.30 -37.53
N TRP D 204 -21.61 -12.98 -37.93
CA TRP D 204 -21.58 -13.77 -39.14
C TRP D 204 -21.18 -15.20 -38.82
N LEU D 205 -22.09 -16.12 -39.15
CA LEU D 205 -21.87 -17.55 -39.11
C LEU D 205 -21.92 -18.07 -40.53
N VAL D 206 -20.75 -18.39 -41.08
CA VAL D 206 -20.61 -19.03 -42.38
C VAL D 206 -20.45 -20.52 -42.14
N LEU D 207 -21.35 -21.33 -42.72
CA LEU D 207 -21.43 -22.76 -42.55
C LEU D 207 -20.37 -23.43 -43.40
N LYS D 208 -19.75 -24.48 -42.83
CA LYS D 208 -18.59 -25.14 -43.43
C LYS D 208 -19.04 -26.05 -44.56
N THR D 209 -20.20 -26.69 -44.37
CA THR D 209 -20.80 -27.63 -45.33
C THR D 209 -21.49 -26.86 -46.46
N TYR D 210 -21.19 -27.22 -47.71
CA TYR D 210 -21.75 -26.52 -48.87
C TYR D 210 -23.02 -27.21 -49.36
N ASP D 211 -23.87 -26.44 -50.07
CA ASP D 211 -25.03 -26.98 -50.79
C ASP D 211 -24.70 -26.95 -52.29
N HIS D 212 -25.72 -27.06 -53.17
CA HIS D 212 -25.50 -27.21 -54.61
C HIS D 212 -26.56 -26.49 -55.41
N ILE D 213 -26.16 -25.98 -56.58
CA ILE D 213 -27.07 -25.45 -57.58
C ILE D 213 -26.54 -25.74 -58.98
N ASP D 214 -27.44 -25.52 -59.96
CA ASP D 214 -27.18 -25.55 -61.39
C ASP D 214 -26.62 -24.22 -61.84
N GLN D 215 -26.12 -24.18 -63.09
CA GLN D 215 -25.88 -22.90 -63.74
C GLN D 215 -27.22 -22.24 -64.14
N ALA D 216 -28.22 -23.08 -64.44
CA ALA D 216 -29.53 -22.62 -64.85
C ALA D 216 -30.16 -21.76 -63.74
N GLN D 217 -30.11 -22.27 -62.50
CA GLN D 217 -30.74 -21.62 -61.36
C GLN D 217 -30.05 -20.29 -61.03
N ALA D 218 -28.72 -20.29 -61.10
CA ALA D 218 -27.93 -19.07 -60.96
C ALA D 218 -28.27 -18.04 -62.03
N GLU D 219 -28.61 -18.52 -63.25
CA GLU D 219 -28.87 -17.62 -64.37
C GLU D 219 -30.26 -16.99 -64.24
N LYS D 220 -31.24 -17.80 -63.87
CA LYS D 220 -32.59 -17.36 -63.54
C LYS D 220 -32.52 -16.18 -62.56
N PHE D 221 -31.70 -16.36 -61.52
CA PHE D 221 -31.62 -15.36 -60.49
C PHE D 221 -31.03 -14.08 -61.08
N THR D 222 -29.90 -14.22 -61.80
CA THR D 222 -29.19 -13.10 -62.40
C THR D 222 -30.11 -12.43 -63.43
N ARG D 223 -30.93 -13.22 -64.15
CA ARG D 223 -31.84 -12.67 -65.14
C ARG D 223 -32.90 -11.82 -64.45
N ALA D 224 -33.24 -12.20 -63.21
CA ALA D 224 -34.34 -11.59 -62.50
C ALA D 224 -33.87 -10.32 -61.80
N VAL D 225 -32.79 -10.41 -61.03
CA VAL D 225 -32.17 -9.27 -60.35
C VAL D 225 -31.67 -8.25 -61.39
N GLY D 226 -31.09 -8.77 -62.50
CA GLY D 226 -30.60 -7.95 -63.61
C GLY D 226 -29.12 -7.54 -63.46
N SER D 227 -28.35 -8.27 -62.62
CA SER D 227 -26.93 -8.03 -62.43
C SER D 227 -26.35 -8.97 -61.37
N GLU D 228 -25.03 -9.16 -61.47
CA GLU D 228 -24.24 -9.80 -60.42
C GLU D 228 -24.31 -8.95 -59.17
N ASN D 229 -24.59 -9.56 -58.01
CA ASN D 229 -24.97 -8.78 -56.82
C ASN D 229 -24.04 -9.08 -55.64
N ASN D 230 -22.75 -9.07 -55.90
CA ASN D 230 -21.78 -9.51 -54.90
C ASN D 230 -20.71 -8.45 -54.70
N ARG D 231 -20.57 -8.04 -53.44
CA ARG D 231 -19.59 -7.06 -53.05
C ARG D 231 -18.19 -7.71 -52.98
N PRO D 232 -17.12 -7.04 -53.46
CA PRO D 232 -15.77 -7.59 -53.36
C PRO D 232 -15.38 -7.79 -51.91
N VAL D 233 -14.59 -8.83 -51.67
CA VAL D 233 -14.21 -9.18 -50.31
C VAL D 233 -13.52 -7.97 -49.70
N GLN D 234 -13.85 -7.71 -48.42
CA GLN D 234 -13.18 -6.72 -47.59
C GLN D 234 -12.14 -7.40 -46.71
N PRO D 235 -11.12 -6.65 -46.23
CA PRO D 235 -10.03 -7.22 -45.43
C PRO D 235 -10.33 -7.32 -43.92
N LEU D 236 -9.79 -8.37 -43.29
CA LEU D 236 -10.17 -8.77 -41.94
C LEU D 236 -9.64 -7.80 -40.88
N ASN D 237 -8.56 -7.06 -41.22
CA ASN D 237 -7.92 -6.11 -40.33
C ASN D 237 -7.67 -6.77 -38.97
N ALA D 238 -8.46 -6.46 -37.93
CA ALA D 238 -8.14 -6.87 -36.56
C ALA D 238 -8.93 -8.10 -36.12
N ARG D 239 -9.78 -8.62 -37.02
CA ARG D 239 -10.73 -9.67 -36.67
C ARG D 239 -10.05 -11.03 -36.82
N VAL D 240 -10.37 -11.95 -35.91
CA VAL D 240 -10.08 -13.36 -36.05
C VAL D 240 -11.34 -14.06 -36.57
N VAL D 241 -11.17 -15.09 -37.39
CA VAL D 241 -12.25 -15.95 -37.80
C VAL D 241 -12.11 -17.26 -37.03
N ILE D 242 -13.08 -17.52 -36.15
CA ILE D 242 -13.07 -18.71 -35.32
C ILE D 242 -13.65 -19.82 -36.19
N GLU D 243 -13.11 -21.05 -36.04
CA GLU D 243 -13.61 -22.22 -36.76
C GLU D 243 -13.61 -23.44 -35.83
C10 TE3 E . 32.58 35.00 53.50
C13 TE3 E . 33.26 37.25 52.58
C15 TE3 E . 32.86 39.80 52.56
C17 TE3 E . 31.42 38.25 51.11
N01 TE3 E . 27.22 30.22 55.65
S02 TE3 E . 27.46 30.99 54.15
O03 TE3 E . 26.34 31.90 53.77
O04 TE3 E . 27.65 29.97 53.10
C05 TE3 E . 28.85 32.08 54.10
N06 TE3 E . 29.75 32.02 53.15
N07 TE3 E . 30.75 32.94 53.27
C08 TE3 E . 30.66 33.76 54.31
N09 TE3 E . 31.59 34.83 54.56
O11 TE3 E . 32.57 34.25 52.56
C12 TE3 E . 33.60 36.12 53.56
C14 TE3 E . 33.51 38.60 53.29
C16 TE3 E . 32.38 39.45 51.14
C18 TE3 E . 31.83 37.11 52.05
S19 TE3 E . 29.24 33.36 55.20
ZN ZN F . 27.26 28.46 54.50
S SO4 G . 30.72 8.50 45.12
O1 SO4 G . 29.91 9.18 46.09
O2 SO4 G . 31.95 8.08 45.73
O3 SO4 G . 29.99 7.36 44.59
O4 SO4 G . 31.02 9.41 44.05
S SO4 H . 24.73 14.00 37.87
O1 SO4 H . 26.01 14.49 38.36
O2 SO4 H . 23.96 13.47 38.98
O3 SO4 H . 24.98 12.97 36.90
O4 SO4 H . 23.98 15.07 37.25
C10 TE3 I . 2.26 -14.22 28.11
C13 TE3 I . 1.72 -15.89 29.97
C15 TE3 I . 2.24 -17.47 31.98
C17 TE3 I . 2.94 -18.11 29.60
N01 TE3 I . 5.94 -12.05 22.00
S02 TE3 I . 5.19 -13.56 22.30
O03 TE3 I . 6.15 -14.70 22.40
O04 TE3 I . 4.11 -13.77 21.29
C05 TE3 I . 4.55 -13.63 23.95
N06 TE3 I . 3.45 -14.23 24.21
N07 TE3 I . 3.08 -14.22 25.51
C08 TE3 I . 3.87 -13.63 26.35
N09 TE3 I . 3.56 -13.65 27.76
O11 TE3 I . 1.52 -14.56 27.25
C12 TE3 I . 1.81 -14.40 29.55
C14 TE3 I . 2.43 -16.06 31.34
C16 TE3 I . 2.23 -18.55 30.90
C18 TE3 I . 2.29 -16.89 28.94
S19 TE3 I . 5.23 -13.07 25.44
ZN ZN J . 4.69 -12.01 20.32
S SO4 K . -8.90 -8.79 2.88
O1 SO4 K . -7.71 -8.01 3.11
O2 SO4 K . -8.59 -10.18 3.13
O3 SO4 K . -9.97 -8.35 3.76
O4 SO4 K . -9.30 -8.64 1.50
S SO4 L . 11.03 1.25 23.67
O1 SO4 L . 12.03 0.98 24.68
O2 SO4 L . 11.68 1.76 22.50
O3 SO4 L . 10.12 2.27 24.16
O4 SO4 L . 10.31 0.04 23.34
C10 TE3 M . -1.09 5.89 -30.66
C13 TE3 M . -0.85 5.75 -33.12
C15 TE3 M . -2.72 5.10 -34.80
C17 TE3 M . -0.77 3.50 -34.26
N01 TE3 M . -5.65 4.54 -24.98
S02 TE3 M . -5.10 3.36 -26.09
O03 TE3 M . -6.09 2.60 -26.84
O04 TE3 M . -4.21 2.41 -25.41
C05 TE3 M . -4.16 4.11 -27.36
N06 TE3 M . -2.97 3.71 -27.61
N07 TE3 M . -2.38 4.39 -28.62
C08 TE3 M . -3.06 5.36 -29.19
N09 TE3 M . -2.50 6.10 -30.31
O11 TE3 M . -0.37 5.17 -30.03
C12 TE3 M . -0.51 6.59 -31.87
C14 TE3 M . -2.31 5.94 -33.58
C16 TE3 M . -1.60 4.20 -35.35
C18 TE3 M . -0.67 4.24 -32.91
S19 TE3 M . -4.61 5.39 -28.42
ZN ZN N . -4.64 3.33 -23.58
S SO4 O . 7.99 -5.90 -7.65
O1 SO4 O . 7.94 -6.23 -6.24
O2 SO4 O . 9.36 -5.80 -8.11
O3 SO4 O . 7.30 -6.94 -8.38
O4 SO4 O . 7.33 -4.63 -7.87
S SO4 P . -10.10 16.33 -18.11
O1 SO4 P . -9.33 17.17 -17.23
O2 SO4 P . -10.24 15.02 -17.52
O3 SO4 P . -11.41 16.91 -18.29
O4 SO4 P . -9.42 16.22 -19.38
S SO4 Q . 7.12 18.86 -13.73
O1 SO4 Q . 8.37 19.58 -13.58
O2 SO4 Q . 6.79 18.23 -12.46
O3 SO4 Q . 6.07 19.79 -14.09
O4 SO4 Q . 7.27 17.83 -14.75
C10 TE3 R . -31.53 -5.80 -43.22
C13 TE3 R . -32.08 -5.02 -40.93
C15 TE3 R . -31.70 -2.93 -39.45
C17 TE3 R . -30.20 -5.01 -39.20
N01 TE3 R . -26.74 -8.60 -47.98
S02 TE3 R . -26.71 -8.91 -46.30
O03 TE3 R . -25.52 -8.34 -45.63
O04 TE3 R . -26.89 -10.19 -45.58
C05 TE3 R . -28.00 -7.94 -45.58
N06 TE3 R . -28.96 -8.51 -44.89
N07 TE3 R . -29.90 -7.66 -44.40
C08 TE3 R . -29.70 -6.37 -44.70
N09 TE3 R . -30.52 -5.33 -44.18
O11 TE3 R . -31.63 -6.99 -43.00
C12 TE3 R . -32.40 -4.82 -42.44
C14 TE3 R . -32.70 -3.92 -40.05
C16 TE3 R . -30.49 -3.58 -38.76
C18 TE3 R . -30.57 -5.20 -40.67
S19 TE3 R . -28.25 -6.20 -45.62
ZN ZN S . -26.75 -10.64 -48.26
S SO4 T . -32.08 -31.91 -53.53
O1 SO4 T . -32.68 -32.44 -52.33
O2 SO4 T . -30.75 -32.43 -53.67
O3 SO4 T . -32.02 -30.47 -53.47
O4 SO4 T . -32.88 -32.28 -54.67
S SO4 U . -26.03 -32.24 -45.01
O1 SO4 U . -25.69 -32.09 -43.61
O2 SO4 U . -25.26 -33.31 -45.58
O3 SO4 U . -27.45 -32.54 -45.13
O4 SO4 U . -25.73 -31.01 -45.70
S SO4 V . -39.76 -15.98 -38.90
O1 SO4 V . -38.81 -16.39 -39.91
O2 SO4 V . -39.17 -16.18 -37.60
O3 SO4 V . -40.96 -16.74 -39.04
O4 SO4 V . -40.05 -14.57 -39.06
#